data_5MDK
#
_entry.id   5MDK
#
_cell.length_a   73.110
_cell.length_b   95.567
_cell.length_c   119.828
_cell.angle_alpha   90.00
_cell.angle_beta   90.00
_cell.angle_gamma   90.00
#
_symmetry.space_group_name_H-M   'P 21 21 21'
#
loop_
_entity.id
_entity.type
_entity.pdbx_description
1 polymer 'Uptake hydrogenase large subunit; HOXG'
2 polymer 'Uptake hydrogenase small subunit; HOXK'
3 non-polymer 'MAGNESIUM ION'
4 non-polymer 'CHLORIDE ION'
5 non-polymer 'NI-FE OXIDIZED ACTIVE CENTER'
6 non-polymer 'IRON/SULFUR CLUSTER'
7 non-polymer 'FE3-S4 CLUSTER'
8 non-polymer 'FE4-S3 CLUSTER'
9 water water
#
loop_
_entity_poly.entity_id
_entity_poly.type
_entity_poly.pdbx_seq_one_letter_code
_entity_poly.pdbx_strand_id
1 'polypeptide(L)'
;MSAYATQGFNLDDRGRRIVVDPVTRIEGHMRCEVNVDANNVIRNAVSTGTMWRGLEVILKGRDPRDAWAFVERICGVCTG
CHALASVRAVENALDIRIPKNAHLIREIMAKTLQVHDHAVHFYHLHALDWVDVMSALKADPKRTSELQQLVSPAHPLSSA
GYFRDIQNRLKRFVESGQLGPFMNGYWGSKAYVLPPEANLMAVTHYLEALDLQKEWVKIHTIFGGKNPHPNYLVGGVPCA
INLDGIGAASAPVNMERLSFVKARIDEIIEFNKNVYVPDVLAIGTLYKQAGWLYGGGLAATNVLDYGEYPNVAYNKSTDQ
LPGGAILNGNWDEVFPVDPRDSQQVQEFVSHSWYKYADESVGLHPWDGVTEPNYVLGANTKGTRTRIEQIDESAKYSWIK
SPRWRGHAMEVGPLSRYILAYAHARSGNKYAERPKEQLEYSAQMINSAIPKALGLPETQYTLKQLLPSTIGRTLARALES
QYCGEMMHSDWHDLVANIRAGDTATANVDKWDPATWPLQAKGVGTVAAPRGALGHWIRIKDGRIENYQCVVPTTWNGSPR
DYKGQIGAFEASLMNTPMVNPEQPVEILRTLHSFDPCLACSTH
;
L
2 'polypeptide(L)'
;METKPRTPVLWLHGLECTCCSESFIRSAHPLAKDVVLSMISLDYDDTLMAAAGHQAEAILEEIMTKYKGNYILAVEGNPP
LNQDGMSCIIGGRPFIEQLKYVAKDAKAIISWGSCASWGCVQAAKPNPTQATPVHKVITDKPIIKVPGCPPIAEVMTGVI
TYMLTFDRIPELDRQGRPKMFYSQRIHDKCYRRPHFDAGQFVEEWDDESARKGFCLYKMGCKGPTTYNACSTTRWNEGTS
FPIQSGHGCIGCSEDGFWDKGSFYDRLTGISQFGVEANADKIGGTASVVVGAAVTAHAAASAIKRASKKNETSGSEHRSA
WSHPQFEK
;
S
#
# COMPACT_ATOMS: atom_id res chain seq x y z
N ALA A 3 30.65 13.10 -12.15
CA ALA A 3 30.35 11.79 -12.80
C ALA A 3 31.22 10.66 -12.22
N TYR A 4 30.61 9.50 -11.99
CA TYR A 4 31.36 8.35 -11.51
C TYR A 4 30.68 7.04 -11.86
N ALA A 5 31.44 5.95 -11.76
CA ALA A 5 30.97 4.60 -12.07
C ALA A 5 30.71 3.82 -10.78
N THR A 6 29.59 3.10 -10.75
CA THR A 6 29.28 2.21 -9.63
C THR A 6 28.37 1.07 -10.12
N GLN A 7 28.66 -0.15 -9.70
CA GLN A 7 27.81 -1.32 -10.01
C GLN A 7 27.62 -1.52 -11.52
N GLY A 8 28.61 -1.13 -12.31
CA GLY A 8 28.51 -1.23 -13.77
C GLY A 8 27.70 -0.13 -14.45
N PHE A 9 27.27 0.88 -13.69
CA PHE A 9 26.54 2.04 -14.22
C PHE A 9 27.47 3.24 -14.26
N ASN A 10 27.50 3.93 -15.40
CA ASN A 10 28.27 5.14 -15.55
C ASN A 10 27.35 6.33 -15.31
N LEU A 11 27.34 6.82 -14.07
CA LEU A 11 26.50 7.96 -13.70
C LEU A 11 27.13 9.24 -14.21
N ASP A 12 26.31 10.09 -14.82
CA ASP A 12 26.79 11.36 -15.38
C ASP A 12 25.71 12.40 -15.21
N ASP A 13 26.01 13.45 -14.47
CA ASP A 13 25.05 14.53 -14.20
C ASP A 13 25.29 15.79 -15.06
N ARG A 14 26.03 15.64 -16.16
CA ARG A 14 26.32 16.81 -17.01
C ARG A 14 25.26 17.13 -18.04
N GLY A 15 24.36 16.18 -18.30
CA GLY A 15 23.29 16.39 -19.27
C GLY A 15 22.13 17.22 -18.74
N ARG A 16 21.05 17.27 -19.50
CA ARG A 16 19.90 18.09 -19.18
C ARG A 16 19.17 17.52 -17.96
N ARG A 17 18.89 18.37 -16.99
CA ARG A 17 18.21 17.94 -15.75
C ARG A 17 16.71 17.99 -15.93
N ILE A 18 16.02 16.93 -15.52
CA ILE A 18 14.57 16.83 -15.60
C ILE A 18 14.07 16.52 -14.21
N VAL A 19 13.01 17.22 -13.79
CA VAL A 19 12.42 17.05 -12.46
C VAL A 19 10.98 16.57 -12.56
N VAL A 20 10.63 15.53 -11.78
CA VAL A 20 9.25 15.03 -11.67
C VAL A 20 8.85 15.10 -10.20
N ASP A 21 8.07 16.12 -9.85
CA ASP A 21 7.63 16.32 -8.47
C ASP A 21 6.31 17.05 -8.52
N PRO A 22 5.20 16.37 -8.16
CA PRO A 22 5.12 15.03 -7.58
C PRO A 22 5.19 13.88 -8.59
N VAL A 23 5.78 12.76 -8.16
CA VAL A 23 5.54 11.50 -8.83
C VAL A 23 4.16 11.06 -8.39
N THR A 24 3.27 10.86 -9.35
CA THR A 24 1.88 10.50 -9.08
C THR A 24 1.67 9.01 -9.35
N ARG A 25 0.46 8.52 -9.09
CA ARG A 25 0.14 7.08 -9.17
C ARG A 25 1.14 6.21 -8.41
N ILE A 26 1.46 6.67 -7.21
CA ILE A 26 2.15 5.91 -6.17
C ILE A 26 1.42 6.17 -4.88
N GLU A 27 1.79 5.46 -3.82
CA GLU A 27 1.38 5.85 -2.47
C GLU A 27 2.40 6.84 -1.96
N GLY A 28 1.91 7.94 -1.40
CA GLY A 28 2.76 8.89 -0.70
C GLY A 28 3.47 9.87 -1.62
N HIS A 29 4.60 10.36 -1.13
CA HIS A 29 5.27 11.50 -1.74
C HIS A 29 6.68 11.15 -2.19
N MET A 30 6.93 11.36 -3.49
CA MET A 30 8.26 11.17 -4.08
C MET A 30 8.56 12.26 -5.09
N ARG A 31 9.83 12.66 -5.11
CA ARG A 31 10.41 13.49 -6.16
C ARG A 31 11.44 12.64 -6.89
N CYS A 32 11.46 12.75 -8.21
CA CYS A 32 12.49 12.10 -9.00
C CYS A 32 13.16 13.14 -9.90
N GLU A 33 14.49 13.13 -9.95
CA GLU A 33 15.23 13.92 -10.93
C GLU A 33 16.13 12.99 -11.74
N VAL A 34 16.26 13.31 -13.03
CA VAL A 34 17.18 12.59 -13.90
C VAL A 34 18.01 13.59 -14.70
N ASN A 35 19.13 13.11 -15.24
CA ASN A 35 19.84 13.80 -16.31
C ASN A 35 19.78 12.95 -17.56
N VAL A 36 19.53 13.57 -18.70
CA VAL A 36 19.50 12.89 -19.98
C VAL A 36 20.61 13.41 -20.88
N ASP A 37 21.16 12.52 -21.70
CA ASP A 37 22.22 12.88 -22.64
C ASP A 37 21.67 13.52 -23.91
N ALA A 38 22.54 13.75 -24.88
CA ALA A 38 22.17 14.40 -26.11
C ALA A 38 21.09 13.66 -26.90
N ASN A 39 20.93 12.36 -26.66
CA ASN A 39 19.92 11.55 -27.32
C ASN A 39 18.74 11.19 -26.39
N ASN A 40 18.53 11.97 -25.33
CA ASN A 40 17.41 11.77 -24.39
C ASN A 40 17.48 10.47 -23.60
N VAL A 41 18.68 9.93 -23.45
CA VAL A 41 18.86 8.72 -22.65
C VAL A 41 19.23 9.11 -21.23
N ILE A 42 18.58 8.48 -20.25
CA ILE A 42 18.85 8.75 -18.86
C ILE A 42 20.25 8.27 -18.48
N ARG A 43 21.07 9.17 -17.97
CA ARG A 43 22.42 8.84 -17.54
C ARG A 43 22.67 9.11 -16.05
N ASN A 44 21.64 9.57 -15.34
CA ASN A 44 21.70 9.77 -13.92
C ASN A 44 20.28 9.79 -13.41
N ALA A 45 20.05 9.23 -12.22
CA ALA A 45 18.72 9.24 -11.63
C ALA A 45 18.85 9.43 -10.14
N VAL A 46 17.87 10.14 -9.57
CA VAL A 46 17.86 10.56 -8.18
C VAL A 46 16.49 10.32 -7.58
N SER A 47 16.46 9.46 -6.55
CA SER A 47 15.23 9.13 -5.86
C SER A 47 15.17 9.89 -4.54
N THR A 48 14.16 10.75 -4.40
CA THR A 48 13.95 11.50 -3.17
C THR A 48 12.61 11.17 -2.53
N GLY A 49 12.64 10.55 -1.35
CA GLY A 49 11.42 10.39 -0.55
C GLY A 49 11.12 11.71 0.10
N THR A 50 9.92 12.23 -0.16
CA THR A 50 9.57 13.59 0.23
C THR A 50 8.59 13.65 1.42
N MET A 51 8.61 12.63 2.29
CA MET A 51 7.77 12.65 3.48
C MET A 51 8.46 11.88 4.59
N TRP A 52 8.13 12.22 5.83
CA TRP A 52 8.53 11.47 7.02
C TRP A 52 7.54 11.77 8.13
N ARG A 53 7.24 10.75 8.92
CA ARG A 53 6.33 10.90 10.07
C ARG A 53 6.96 10.52 11.42
N GLY A 54 7.91 9.60 11.43
CA GLY A 54 8.63 9.24 12.64
C GLY A 54 7.96 8.22 13.54
N LEU A 55 7.35 7.19 12.95
CA LEU A 55 6.75 6.11 13.74
C LEU A 55 7.71 5.46 14.70
N GLU A 56 8.99 5.32 14.30
CA GLU A 56 9.96 4.64 15.15
C GLU A 56 10.19 5.39 16.44
N VAL A 57 10.13 6.72 16.34
CA VAL A 57 10.28 7.61 17.48
C VAL A 57 9.04 7.58 18.36
N ILE A 58 7.87 7.61 17.72
CA ILE A 58 6.59 7.60 18.43
C ILE A 58 6.41 6.35 19.28
N LEU A 59 6.92 5.21 18.80
CA LEU A 59 6.76 3.95 19.52
C LEU A 59 7.53 3.86 20.84
N LYS A 60 8.58 4.66 21.01
CA LYS A 60 9.42 4.51 22.20
CA LYS A 60 9.42 4.53 22.20
C LYS A 60 8.57 4.68 23.47
N GLY A 61 8.75 3.76 24.40
CA GLY A 61 8.06 3.83 25.69
C GLY A 61 6.67 3.22 25.75
N ARG A 62 6.13 2.78 24.62
CA ARG A 62 4.78 2.23 24.56
C ARG A 62 4.79 0.72 24.80
N ASP A 63 3.60 0.16 24.94
CA ASP A 63 3.44 -1.27 25.21
C ASP A 63 3.63 -2.04 23.91
N PRO A 64 4.50 -3.07 23.91
CA PRO A 64 4.68 -3.90 22.73
C PRO A 64 3.40 -4.49 22.17
N ARG A 65 2.41 -4.77 23.03
CA ARG A 65 1.13 -5.33 22.58
C ARG A 65 0.32 -4.34 21.73
N ASP A 66 0.57 -3.04 21.91
CA ASP A 66 -0.10 -1.98 21.14
C ASP A 66 0.61 -1.67 19.84
N ALA A 67 1.86 -2.10 19.72
CA ALA A 67 2.69 -1.64 18.62
C ALA A 67 2.09 -1.90 17.24
N TRP A 68 1.45 -3.07 17.07
CA TRP A 68 0.95 -3.46 15.74
C TRP A 68 0.03 -2.40 15.17
N ALA A 69 -0.78 -1.78 16.03
CA ALA A 69 -1.78 -0.84 15.52
C ALA A 69 -1.13 0.46 15.07
N PHE A 70 -0.10 0.90 15.78
CA PHE A 70 0.66 2.07 15.37
C PHE A 70 1.35 1.85 14.04
N VAL A 71 2.08 0.74 13.93
CA VAL A 71 2.85 0.49 12.73
C VAL A 71 1.99 0.05 11.55
N GLU A 72 0.80 -0.49 11.81
CA GLU A 72 -0.14 -0.76 10.74
C GLU A 72 -0.41 0.53 9.97
N ARG A 73 -0.44 1.66 10.69
CA ARG A 73 -0.72 2.96 10.11
C ARG A 73 0.51 3.57 9.43
N ILE A 74 1.60 2.81 9.31
CA ILE A 74 2.63 3.17 8.33
C ILE A 74 2.01 3.25 6.96
N CYS A 75 1.06 2.36 6.65
CA CYS A 75 0.53 2.33 5.30
C CYS A 75 -0.82 1.66 5.20
N GLY A 76 -1.74 2.36 4.54
CA GLY A 76 -3.09 1.86 4.29
C GLY A 76 -3.26 1.11 2.96
N VAL A 77 -2.22 1.09 2.15
CA VAL A 77 -2.22 0.36 0.89
C VAL A 77 -1.77 -1.06 1.18
N CYS A 78 -0.57 -1.23 1.74
CA CYS A 78 -0.15 -2.55 2.19
C CYS A 78 -0.66 -2.81 3.61
N THR A 79 -1.97 -2.64 3.77
CA THR A 79 -2.59 -2.60 5.09
C THR A 79 -2.56 -3.97 5.77
N GLY A 80 -2.00 -3.98 6.96
CA GLY A 80 -1.89 -5.20 7.74
C GLY A 80 -0.52 -5.86 7.70
N CYS A 81 0.29 -5.62 6.66
CA CYS A 81 1.57 -6.34 6.61
C CYS A 81 2.49 -5.87 7.74
N HIS A 82 2.39 -4.58 8.11
CA HIS A 82 3.18 -4.07 9.24
C HIS A 82 2.66 -4.60 10.58
N ALA A 83 1.34 -4.79 10.69
CA ALA A 83 0.77 -5.40 11.91
C ALA A 83 1.29 -6.84 12.07
N LEU A 84 1.33 -7.57 10.96
CA LEU A 84 1.85 -8.93 10.95
C LEU A 84 3.33 -8.95 11.34
N ALA A 85 4.12 -8.07 10.74
CA ALA A 85 5.52 -8.00 11.14
C ALA A 85 5.69 -7.71 12.64
N SER A 86 4.86 -6.81 13.15
CA SER A 86 4.95 -6.39 14.54
C SER A 86 4.60 -7.50 15.52
N VAL A 87 3.48 -8.17 15.30
CA VAL A 87 3.10 -9.23 16.22
C VAL A 87 4.15 -10.35 16.12
N ARG A 88 4.66 -10.63 14.93
CA ARG A 88 5.74 -11.61 14.79
C ARG A 88 6.98 -11.21 15.57
N ALA A 89 7.34 -9.94 15.51
CA ALA A 89 8.51 -9.44 16.24
C ALA A 89 8.35 -9.58 17.76
N VAL A 90 7.17 -9.21 18.24
CA VAL A 90 6.88 -9.31 19.67
C VAL A 90 6.84 -10.78 20.10
N GLU A 91 6.17 -11.61 19.33
CA GLU A 91 6.13 -13.04 19.61
C GLU A 91 7.54 -13.64 19.61
N ASN A 92 8.39 -13.19 18.69
CA ASN A 92 9.78 -13.68 18.65
C ASN A 92 10.55 -13.21 19.89
N ALA A 93 10.37 -11.96 20.29
CA ALA A 93 11.01 -11.46 21.51
C ALA A 93 10.62 -12.24 22.76
N LEU A 94 9.34 -12.58 22.86
CA LEU A 94 8.79 -13.14 24.08
C LEU A 94 8.61 -14.66 24.02
N ASP A 95 9.10 -15.29 22.95
CA ASP A 95 9.03 -16.74 22.77
CA ASP A 95 9.03 -16.76 22.78
C ASP A 95 7.57 -17.23 22.86
N ILE A 96 6.70 -16.62 22.06
CA ILE A 96 5.29 -16.97 22.02
C ILE A 96 5.05 -17.73 20.73
N ARG A 97 4.48 -18.94 20.84
CA ARG A 97 4.07 -19.73 19.69
CA ARG A 97 4.06 -19.73 19.68
C ARG A 97 2.56 -19.61 19.51
N ILE A 98 2.13 -19.12 18.35
CA ILE A 98 0.69 -18.96 18.11
C ILE A 98 0.06 -20.29 17.69
N PRO A 99 -1.24 -20.45 17.94
CA PRO A 99 -1.88 -21.69 17.50
C PRO A 99 -2.04 -21.78 15.98
N LYS A 100 -2.18 -23.00 15.49
CA LYS A 100 -2.28 -23.28 14.06
C LYS A 100 -3.34 -22.45 13.35
N ASN A 101 -4.52 -22.30 13.96
CA ASN A 101 -5.59 -21.54 13.31
C ASN A 101 -5.20 -20.08 13.15
N ALA A 102 -4.50 -19.52 14.12
CA ALA A 102 -4.03 -18.13 14.03
C ALA A 102 -3.00 -17.97 12.90
N HIS A 103 -2.09 -18.93 12.80
CA HIS A 103 -1.13 -18.96 11.70
C HIS A 103 -1.85 -18.96 10.34
N LEU A 104 -2.82 -19.87 10.18
CA LEU A 104 -3.53 -20.00 8.92
C LEU A 104 -4.34 -18.75 8.60
N ILE A 105 -5.01 -18.19 9.60
CA ILE A 105 -5.80 -16.97 9.38
C ILE A 105 -4.90 -15.79 8.98
N ARG A 106 -3.77 -15.63 9.66
CA ARG A 106 -2.81 -14.59 9.27
C ARG A 106 -2.31 -14.81 7.84
N GLU A 107 -2.03 -16.06 7.45
CA GLU A 107 -1.55 -16.34 6.09
CA GLU A 107 -1.56 -16.35 6.09
C GLU A 107 -2.63 -15.98 5.06
N ILE A 108 -3.88 -16.33 5.36
CA ILE A 108 -4.99 -16.01 4.46
C ILE A 108 -5.11 -14.48 4.33
N MET A 109 -5.01 -13.79 5.44
CA MET A 109 -5.04 -12.31 5.41
C MET A 109 -3.87 -11.76 4.58
N ALA A 110 -2.69 -12.35 4.74
CA ALA A 110 -1.51 -11.85 4.03
C ALA A 110 -1.66 -12.05 2.54
N LYS A 111 -2.16 -13.23 2.14
CA LYS A 111 -2.31 -13.55 0.74
C LYS A 111 -3.46 -12.75 0.09
N THR A 112 -4.49 -12.41 0.86
CA THR A 112 -5.55 -11.55 0.40
C THR A 112 -4.96 -10.15 0.10
N LEU A 113 -4.12 -9.67 1.00
CA LEU A 113 -3.47 -8.37 0.78
C LEU A 113 -2.63 -8.41 -0.48
N GLN A 114 -1.86 -9.48 -0.67
CA GLN A 114 -1.02 -9.60 -1.87
C GLN A 114 -1.85 -9.44 -3.13
N VAL A 115 -2.95 -10.18 -3.21
CA VAL A 115 -3.80 -10.12 -4.39
C VAL A 115 -4.40 -8.72 -4.59
N HIS A 116 -5.00 -8.18 -3.53
CA HIS A 116 -5.65 -6.90 -3.62
C HIS A 116 -4.65 -5.80 -4.04
N ASP A 117 -3.52 -5.77 -3.35
CA ASP A 117 -2.49 -4.77 -3.60
CA ASP A 117 -2.45 -4.79 -3.62
C ASP A 117 -1.96 -4.91 -5.04
N HIS A 118 -1.61 -6.13 -5.45
CA HIS A 118 -1.03 -6.33 -6.78
C HIS A 118 -2.00 -5.97 -7.89
N ALA A 119 -3.25 -6.43 -7.80
CA ALA A 119 -4.21 -6.22 -8.87
C ALA A 119 -4.65 -4.76 -8.95
N VAL A 120 -4.90 -4.12 -7.81
CA VAL A 120 -5.21 -2.68 -7.78
C VAL A 120 -4.03 -1.86 -8.26
N HIS A 121 -2.83 -2.22 -7.86
CA HIS A 121 -1.66 -1.48 -8.35
C HIS A 121 -1.64 -1.54 -9.87
N PHE A 122 -1.75 -2.75 -10.41
CA PHE A 122 -1.54 -2.86 -11.84
C PHE A 122 -2.58 -2.07 -12.61
N TYR A 123 -3.86 -2.25 -12.28
CA TYR A 123 -4.89 -1.59 -13.06
C TYR A 123 -4.99 -0.10 -12.78
N HIS A 124 -5.00 0.29 -11.52
CA HIS A 124 -5.33 1.67 -11.16
C HIS A 124 -4.15 2.60 -11.08
N LEU A 125 -2.96 2.05 -10.85
CA LEU A 125 -1.76 2.89 -10.79
C LEU A 125 -0.82 2.68 -11.98
N HIS A 126 -0.62 1.43 -12.41
CA HIS A 126 0.40 1.14 -13.42
C HIS A 126 -0.12 1.20 -14.86
N ALA A 127 -1.36 0.77 -15.07
CA ALA A 127 -1.85 0.52 -16.42
C ALA A 127 -1.72 1.73 -17.34
N LEU A 128 -1.96 2.94 -16.81
CA LEU A 128 -1.93 4.14 -17.64
C LEU A 128 -0.52 4.49 -18.15
N ASP A 129 0.52 3.77 -17.71
CA ASP A 129 1.85 3.91 -18.30
C ASP A 129 2.02 3.06 -19.56
N TRP A 130 1.11 2.12 -19.77
CA TRP A 130 1.15 1.20 -20.89
C TRP A 130 -0.04 1.38 -21.82
N VAL A 131 -1.14 1.88 -21.28
CA VAL A 131 -2.43 1.96 -21.96
C VAL A 131 -2.75 3.42 -22.23
N ASP A 132 -3.10 3.71 -23.49
CA ASP A 132 -3.53 5.03 -23.89
C ASP A 132 -5.06 5.03 -23.92
N VAL A 133 -5.68 5.71 -22.95
CA VAL A 133 -7.14 5.73 -22.81
CA VAL A 133 -7.13 5.70 -22.83
C VAL A 133 -7.83 6.41 -23.99
N MET A 134 -7.18 7.39 -24.59
CA MET A 134 -7.78 8.09 -25.74
C MET A 134 -7.78 7.20 -26.97
N SER A 135 -6.77 6.35 -27.11
CA SER A 135 -6.74 5.34 -28.17
C SER A 135 -7.87 4.31 -28.05
N ALA A 136 -8.24 3.96 -26.81
CA ALA A 136 -9.38 3.08 -26.56
C ALA A 136 -10.69 3.59 -27.18
N LEU A 137 -10.85 4.91 -27.30
CA LEU A 137 -12.05 5.50 -27.91
C LEU A 137 -12.16 5.20 -29.41
N LYS A 138 -11.01 4.99 -30.06
CA LYS A 138 -10.95 4.65 -31.48
C LYS A 138 -11.12 3.15 -31.76
N ALA A 139 -11.15 2.33 -30.72
CA ALA A 139 -11.17 0.89 -30.89
C ALA A 139 -12.47 0.42 -31.54
N ASP A 140 -12.39 -0.70 -32.26
CA ASP A 140 -13.58 -1.33 -32.81
C ASP A 140 -14.04 -2.40 -31.83
N PRO A 141 -15.31 -2.33 -31.38
CA PRO A 141 -15.77 -3.31 -30.39
C PRO A 141 -15.69 -4.78 -30.82
N LYS A 142 -15.96 -5.10 -32.09
CA LYS A 142 -15.84 -6.49 -32.56
C LYS A 142 -14.40 -6.97 -32.50
N ARG A 143 -13.45 -6.15 -32.91
CA ARG A 143 -12.02 -6.51 -32.86
C ARG A 143 -11.55 -6.64 -31.39
N THR A 144 -12.11 -5.83 -30.51
CA THR A 144 -11.82 -5.91 -29.08
C THR A 144 -12.35 -7.22 -28.52
N SER A 145 -13.59 -7.58 -28.87
CA SER A 145 -14.14 -8.89 -28.51
C SER A 145 -13.24 -10.03 -28.98
N GLU A 146 -12.78 -9.94 -30.22
CA GLU A 146 -11.91 -10.97 -30.79
C GLU A 146 -10.56 -11.04 -30.09
N LEU A 147 -10.03 -9.87 -29.72
CA LEU A 147 -8.78 -9.83 -28.97
C LEU A 147 -8.96 -10.48 -27.59
N GLN A 148 -10.03 -10.12 -26.89
CA GLN A 148 -10.35 -10.72 -25.58
C GLN A 148 -10.42 -12.25 -25.64
N GLN A 149 -11.08 -12.79 -26.67
CA GLN A 149 -11.19 -14.24 -26.83
C GLN A 149 -9.83 -14.91 -27.07
N LEU A 150 -8.91 -14.21 -27.74
CA LEU A 150 -7.54 -14.72 -27.93
C LEU A 150 -6.70 -14.62 -26.65
N VAL A 151 -6.80 -13.48 -25.97
CA VAL A 151 -5.97 -13.22 -24.79
C VAL A 151 -6.38 -14.10 -23.61
N SER A 152 -7.69 -14.28 -23.42
CA SER A 152 -8.20 -15.09 -22.31
C SER A 152 -9.54 -15.73 -22.68
N PRO A 153 -9.50 -16.93 -23.29
CA PRO A 153 -10.74 -17.60 -23.74
C PRO A 153 -11.80 -17.82 -22.65
N ALA A 154 -11.37 -18.04 -21.41
CA ALA A 154 -12.29 -18.38 -20.32
C ALA A 154 -12.97 -17.18 -19.67
N HIS A 155 -12.50 -15.96 -19.94
CA HIS A 155 -13.13 -14.78 -19.37
C HIS A 155 -14.49 -14.54 -20.04
N PRO A 156 -15.58 -14.65 -19.25
CA PRO A 156 -16.88 -14.60 -19.93
C PRO A 156 -17.37 -13.22 -20.36
N LEU A 157 -16.70 -12.14 -19.91
CA LEU A 157 -17.10 -10.79 -20.31
C LEU A 157 -16.34 -10.39 -21.58
N SER A 158 -16.85 -10.85 -22.73
CA SER A 158 -16.11 -10.73 -23.99
C SER A 158 -16.91 -10.24 -25.21
N SER A 159 -18.20 -9.95 -25.06
CA SER A 159 -19.04 -9.64 -26.22
C SER A 159 -18.70 -8.27 -26.81
N ALA A 160 -18.93 -8.10 -28.10
CA ALA A 160 -18.74 -6.81 -28.75
C ALA A 160 -19.65 -5.74 -28.13
N GLY A 161 -20.89 -6.10 -27.83
CA GLY A 161 -21.84 -5.19 -27.19
C GLY A 161 -21.37 -4.70 -25.84
N TYR A 162 -20.78 -5.60 -25.05
CA TYR A 162 -20.20 -5.23 -23.75
C TYR A 162 -19.10 -4.17 -23.90
N PHE A 163 -18.13 -4.43 -24.78
CA PHE A 163 -17.04 -3.48 -25.01
C PHE A 163 -17.54 -2.15 -25.59
N ARG A 164 -18.57 -2.22 -26.44
CA ARG A 164 -19.20 -1.04 -27.01
C ARG A 164 -19.83 -0.17 -25.93
N ASP A 165 -20.53 -0.81 -24.99
CA ASP A 165 -21.15 -0.12 -23.86
C ASP A 165 -20.09 0.58 -23.00
N ILE A 166 -18.97 -0.09 -22.75
CA ILE A 166 -17.89 0.49 -21.96
C ILE A 166 -17.29 1.67 -22.73
N GLN A 167 -17.00 1.47 -24.01
CA GLN A 167 -16.45 2.52 -24.85
C GLN A 167 -17.35 3.76 -24.89
N ASN A 168 -18.65 3.54 -25.02
CA ASN A 168 -19.60 4.66 -25.09
C ASN A 168 -19.62 5.48 -23.79
N ARG A 169 -19.52 4.79 -22.67
CA ARG A 169 -19.43 5.48 -21.38
C ARG A 169 -18.14 6.32 -21.26
N LEU A 170 -17.01 5.78 -21.72
CA LEU A 170 -15.75 6.52 -21.73
CA LEU A 170 -15.75 6.52 -21.73
C LEU A 170 -15.83 7.72 -22.68
N LYS A 171 -16.45 7.52 -23.84
CA LYS A 171 -16.61 8.61 -24.82
C LYS A 171 -17.40 9.78 -24.22
N ARG A 172 -18.52 9.47 -23.59
CA ARG A 172 -19.36 10.47 -22.94
C ARG A 172 -18.59 11.23 -21.84
N PHE A 173 -17.85 10.50 -21.02
CA PHE A 173 -16.99 11.09 -20.00
C PHE A 173 -15.99 12.07 -20.62
N VAL A 174 -15.28 11.64 -21.66
CA VAL A 174 -14.25 12.46 -22.28
C VAL A 174 -14.88 13.67 -23.00
N GLU A 175 -15.99 13.44 -23.70
CA GLU A 175 -16.69 14.52 -24.41
C GLU A 175 -17.32 15.56 -23.48
N SER A 176 -17.46 15.24 -22.19
CA SER A 176 -17.90 16.23 -21.21
C SER A 176 -16.92 17.40 -21.03
N GLY A 177 -15.66 17.22 -21.42
CA GLY A 177 -14.62 18.23 -21.20
C GLY A 177 -14.03 18.21 -19.79
N GLN A 178 -14.55 17.35 -18.92
CA GLN A 178 -14.02 17.18 -17.56
C GLN A 178 -13.41 15.78 -17.52
N LEU A 179 -12.11 15.73 -17.84
CA LEU A 179 -11.38 14.47 -17.97
CA LEU A 179 -11.40 14.45 -17.97
C LEU A 179 -10.97 13.86 -16.63
N GLY A 180 -11.06 14.63 -15.55
CA GLY A 180 -10.74 14.12 -14.21
C GLY A 180 -9.35 13.48 -14.13
N PRO A 181 -9.26 12.20 -13.71
CA PRO A 181 -7.94 11.58 -13.63
C PRO A 181 -7.18 11.44 -14.96
N PHE A 182 -7.86 11.66 -16.09
CA PHE A 182 -7.17 11.61 -17.38
C PHE A 182 -6.71 12.96 -17.89
N MET A 183 -6.97 14.02 -17.14
CA MET A 183 -6.63 15.39 -17.52
C MET A 183 -5.12 15.58 -17.71
N ASN A 184 -4.74 16.31 -18.77
CA ASN A 184 -3.32 16.63 -19.04
C ASN A 184 -2.42 15.39 -19.11
N GLY A 185 -2.97 14.26 -19.52
CA GLY A 185 -2.21 13.02 -19.63
C GLY A 185 -1.27 13.06 -20.82
N TYR A 186 -0.51 11.98 -21.01
CA TYR A 186 0.50 11.93 -22.07
C TYR A 186 -0.01 11.15 -23.29
N TRP A 187 -1.33 11.13 -23.45
CA TRP A 187 -2.01 10.38 -24.51
C TRP A 187 -1.45 10.79 -25.88
N GLY A 188 -1.25 9.79 -26.75
CA GLY A 188 -0.72 10.02 -28.09
C GLY A 188 0.79 10.01 -28.17
N SER A 189 1.49 9.91 -27.04
CA SER A 189 2.94 9.79 -27.07
C SER A 189 3.34 8.55 -27.85
N LYS A 190 4.45 8.64 -28.58
CA LYS A 190 4.97 7.47 -29.27
C LYS A 190 5.47 6.41 -28.29
N ALA A 191 5.63 6.78 -27.02
CA ALA A 191 5.95 5.77 -25.97
C ALA A 191 4.85 4.71 -25.79
N TYR A 192 3.62 5.05 -26.18
CA TYR A 192 2.50 4.09 -26.18
C TYR A 192 2.49 3.28 -27.47
N VAL A 193 2.49 1.95 -27.36
CA VAL A 193 2.55 1.09 -28.55
C VAL A 193 1.34 0.18 -28.75
N LEU A 194 0.42 0.09 -27.81
CA LEU A 194 -0.71 -0.83 -27.95
C LEU A 194 -1.64 -0.41 -29.07
N PRO A 195 -2.28 -1.38 -29.75
CA PRO A 195 -3.34 -1.00 -30.67
C PRO A 195 -4.61 -0.60 -29.92
N PRO A 196 -5.52 0.15 -30.58
CA PRO A 196 -6.75 0.60 -29.92
C PRO A 196 -7.52 -0.48 -29.17
N GLU A 197 -7.60 -1.68 -29.74
CA GLU A 197 -8.41 -2.76 -29.18
C GLU A 197 -7.82 -3.23 -27.85
N ALA A 198 -6.49 -3.28 -27.77
CA ALA A 198 -5.82 -3.65 -26.53
C ALA A 198 -6.05 -2.58 -25.45
N ASN A 199 -6.03 -1.32 -25.84
CA ASN A 199 -6.32 -0.23 -24.91
C ASN A 199 -7.74 -0.30 -24.34
N LEU A 200 -8.72 -0.59 -25.19
CA LEU A 200 -10.11 -0.67 -24.74
C LEU A 200 -10.31 -1.87 -23.81
N MET A 201 -9.69 -3.00 -24.16
CA MET A 201 -9.74 -4.17 -23.30
C MET A 201 -9.19 -3.85 -21.92
N ALA A 202 -8.04 -3.17 -21.88
CA ALA A 202 -7.40 -2.85 -20.60
C ALA A 202 -8.22 -1.86 -19.77
N VAL A 203 -8.76 -0.85 -20.42
CA VAL A 203 -9.61 0.12 -19.72
C VAL A 203 -10.85 -0.59 -19.17
N THR A 204 -11.42 -1.50 -19.94
CA THR A 204 -12.57 -2.29 -19.48
C THR A 204 -12.21 -3.05 -18.20
N HIS A 205 -11.02 -3.63 -18.18
CA HIS A 205 -10.58 -4.39 -17.03
C HIS A 205 -10.23 -3.52 -15.83
N TYR A 206 -9.76 -2.28 -16.09
CA TYR A 206 -9.58 -1.25 -15.05
C TYR A 206 -10.89 -1.03 -14.31
N LEU A 207 -11.98 -0.88 -15.05
CA LEU A 207 -13.29 -0.69 -14.43
C LEU A 207 -13.78 -1.94 -13.72
N GLU A 208 -13.58 -3.11 -14.33
CA GLU A 208 -13.95 -4.37 -13.69
C GLU A 208 -13.19 -4.57 -12.36
N ALA A 209 -11.89 -4.32 -12.37
CA ALA A 209 -11.08 -4.48 -11.17
C ALA A 209 -11.51 -3.52 -10.06
N LEU A 210 -11.86 -2.30 -10.42
CA LEU A 210 -12.32 -1.29 -9.46
C LEU A 210 -13.57 -1.75 -8.72
N ASP A 211 -14.51 -2.38 -9.43
CA ASP A 211 -15.72 -2.88 -8.78
C ASP A 211 -15.47 -4.17 -7.98
N LEU A 212 -14.60 -5.06 -8.46
CA LEU A 212 -14.34 -6.34 -7.79
C LEU A 212 -13.42 -6.25 -6.56
N GLN A 213 -12.50 -5.29 -6.55
CA GLN A 213 -11.51 -5.26 -5.45
C GLN A 213 -12.15 -5.11 -4.07
N LYS A 214 -13.29 -4.44 -4.00
CA LYS A 214 -13.97 -4.25 -2.73
C LYS A 214 -14.55 -5.54 -2.17
N GLU A 215 -14.78 -6.54 -3.03
CA GLU A 215 -15.27 -7.84 -2.57
C GLU A 215 -14.14 -8.63 -1.92
N TRP A 216 -12.95 -8.58 -2.52
CA TRP A 216 -11.82 -9.40 -2.06
C TRP A 216 -11.47 -9.10 -0.61
N VAL A 217 -11.51 -7.82 -0.25
CA VAL A 217 -11.07 -7.40 1.07
C VAL A 217 -12.06 -7.80 2.18
N LYS A 218 -13.24 -8.28 1.81
CA LYS A 218 -14.18 -8.76 2.82
C LYS A 218 -13.60 -9.94 3.62
N ILE A 219 -12.60 -10.61 3.06
CA ILE A 219 -11.84 -11.61 3.84
C ILE A 219 -11.15 -10.98 5.06
N HIS A 220 -10.47 -9.84 4.84
CA HIS A 220 -9.96 -9.07 5.96
C HIS A 220 -11.05 -8.67 6.93
N THR A 221 -12.19 -8.27 6.40
CA THR A 221 -13.28 -7.79 7.25
C THR A 221 -13.76 -8.88 8.20
N ILE A 222 -13.89 -10.09 7.67
CA ILE A 222 -14.35 -11.19 8.52
CA ILE A 222 -14.33 -11.23 8.48
C ILE A 222 -13.35 -11.48 9.63
N PHE A 223 -12.07 -11.62 9.28
CA PHE A 223 -11.08 -12.00 10.29
C PHE A 223 -10.54 -10.86 11.15
N GLY A 224 -10.57 -9.65 10.61
CA GLY A 224 -9.94 -8.50 11.21
C GLY A 224 -10.84 -7.30 11.44
N GLY A 225 -12.14 -7.42 11.12
CA GLY A 225 -13.14 -6.40 11.48
C GLY A 225 -13.38 -5.30 10.47
N LYS A 226 -12.38 -4.99 9.65
CA LYS A 226 -12.44 -3.84 8.77
C LYS A 226 -11.29 -3.89 7.78
N ASN A 227 -11.50 -3.28 6.62
CA ASN A 227 -10.46 -2.99 5.67
C ASN A 227 -10.76 -1.62 5.07
N PRO A 228 -9.74 -0.73 4.99
CA PRO A 228 -8.38 -0.89 5.48
C PRO A 228 -8.24 -1.05 7.00
N HIS A 229 -7.04 -1.45 7.39
CA HIS A 229 -6.55 -1.54 8.76
C HIS A 229 -7.26 -2.58 9.64
N PRO A 230 -7.24 -3.84 9.21
CA PRO A 230 -7.78 -4.90 10.06
C PRO A 230 -6.99 -5.06 11.37
N ASN A 231 -7.66 -5.57 12.39
CA ASN A 231 -7.05 -5.78 13.67
C ASN A 231 -6.24 -7.09 13.74
N TYR A 232 -5.13 -7.02 14.47
CA TYR A 232 -4.24 -8.14 14.73
C TYR A 232 -4.14 -8.31 16.25
N LEU A 233 -3.31 -9.24 16.72
CA LEU A 233 -3.23 -9.56 18.14
C LEU A 233 -1.93 -10.28 18.45
N VAL A 234 -1.22 -9.83 19.47
CA VAL A 234 -0.03 -10.55 19.93
C VAL A 234 -0.51 -11.85 20.59
N GLY A 235 -0.04 -12.98 20.06
CA GLY A 235 -0.41 -14.30 20.56
C GLY A 235 -1.41 -15.05 19.70
N GLY A 236 -1.98 -14.40 18.68
CA GLY A 236 -2.90 -15.10 17.79
C GLY A 236 -3.76 -14.18 16.97
N VAL A 237 -5.05 -14.46 16.94
CA VAL A 237 -6.02 -13.61 16.27
C VAL A 237 -7.21 -13.39 17.19
N PRO A 238 -7.91 -12.26 17.04
CA PRO A 238 -9.07 -12.03 17.90
C PRO A 238 -10.36 -12.71 17.47
N CYS A 239 -10.38 -13.26 16.27
CA CYS A 239 -11.61 -13.75 15.67
C CYS A 239 -11.89 -15.18 16.12
N ALA A 240 -12.37 -15.30 17.36
CA ALA A 240 -12.61 -16.59 17.99
C ALA A 240 -13.61 -17.44 17.21
N ILE A 241 -13.41 -18.75 17.28
CA ILE A 241 -14.13 -19.73 16.48
C ILE A 241 -15.16 -20.50 17.32
N ASN A 242 -16.35 -20.64 16.76
CA ASN A 242 -17.42 -21.44 17.35
C ASN A 242 -18.37 -21.85 16.24
N LEU A 243 -18.40 -23.13 15.92
CA LEU A 243 -19.31 -23.61 14.88
C LEU A 243 -20.76 -23.87 15.34
N ASP A 244 -20.97 -24.27 16.61
CA ASP A 244 -22.33 -24.65 17.06
C ASP A 244 -22.81 -23.96 18.33
N GLY A 245 -22.03 -24.09 19.41
CA GLY A 245 -22.44 -23.60 20.74
C GLY A 245 -23.05 -22.21 20.80
N ALA A 248 -22.86 -19.22 18.84
CA ALA A 248 -22.21 -19.65 17.60
C ALA A 248 -22.44 -18.68 16.44
N ALA A 249 -23.69 -18.29 16.23
CA ALA A 249 -24.00 -17.11 15.42
C ALA A 249 -23.43 -15.82 16.04
N SER A 250 -23.08 -15.86 17.33
CA SER A 250 -22.48 -14.72 18.02
C SER A 250 -20.94 -14.72 17.99
N ALA A 251 -20.32 -15.87 17.68
CA ALA A 251 -18.85 -15.90 17.52
C ALA A 251 -18.37 -15.19 16.26
N PRO A 252 -17.17 -14.60 16.32
CA PRO A 252 -16.59 -14.00 15.12
C PRO A 252 -16.48 -14.93 13.90
N VAL A 253 -16.10 -16.19 14.13
CA VAL A 253 -15.93 -17.12 13.03
C VAL A 253 -16.77 -18.36 13.28
N ASN A 254 -17.75 -18.59 12.40
CA ASN A 254 -18.50 -19.84 12.35
C ASN A 254 -18.41 -20.38 10.94
N MET A 255 -19.08 -21.49 10.65
CA MET A 255 -18.92 -22.12 9.34
CA MET A 255 -18.93 -22.12 9.35
C MET A 255 -19.44 -21.22 8.23
N GLU A 256 -20.54 -20.48 8.48
CA GLU A 256 -21.09 -19.60 7.46
C GLU A 256 -20.04 -18.54 7.05
N ARG A 257 -19.37 -17.97 8.04
CA ARG A 257 -18.30 -16.98 7.77
C ARG A 257 -17.16 -17.59 6.96
N LEU A 258 -16.77 -18.81 7.33
CA LEU A 258 -15.74 -19.50 6.56
C LEU A 258 -16.18 -19.81 5.13
N SER A 259 -17.44 -20.22 4.94
CA SER A 259 -17.97 -20.40 3.58
C SER A 259 -17.92 -19.12 2.75
N PHE A 260 -18.23 -18.00 3.39
CA PHE A 260 -18.16 -16.70 2.72
C PHE A 260 -16.73 -16.40 2.27
N VAL A 261 -15.78 -16.64 3.14
CA VAL A 261 -14.36 -16.45 2.80
C VAL A 261 -13.98 -17.30 1.58
N LYS A 262 -14.39 -18.57 1.57
CA LYS A 262 -14.06 -19.43 0.44
C LYS A 262 -14.67 -18.93 -0.87
N ALA A 263 -15.91 -18.43 -0.82
CA ALA A 263 -16.53 -17.85 -2.01
C ALA A 263 -15.69 -16.68 -2.56
N ARG A 264 -15.15 -15.87 -1.66
CA ARG A 264 -14.32 -14.73 -2.06
C ARG A 264 -12.98 -15.21 -2.65
N ILE A 265 -12.39 -16.25 -2.05
CA ILE A 265 -11.16 -16.81 -2.58
C ILE A 265 -11.37 -17.36 -3.99
N ASP A 266 -12.48 -18.06 -4.20
CA ASP A 266 -12.75 -18.64 -5.52
C ASP A 266 -12.87 -17.56 -6.60
N GLU A 267 -13.48 -16.42 -6.25
CA GLU A 267 -13.59 -15.30 -7.18
C GLU A 267 -12.22 -14.72 -7.53
N ILE A 268 -11.35 -14.62 -6.51
CA ILE A 268 -9.98 -14.16 -6.70
C ILE A 268 -9.24 -15.06 -7.68
N ILE A 269 -9.40 -16.38 -7.51
CA ILE A 269 -8.71 -17.31 -8.38
C ILE A 269 -9.12 -17.09 -9.84
N GLU A 270 -10.41 -16.86 -10.06
CA GLU A 270 -10.90 -16.59 -11.41
C GLU A 270 -10.36 -15.28 -11.97
N PHE A 271 -10.35 -14.23 -11.15
CA PHE A 271 -9.86 -12.94 -11.62
C PHE A 271 -8.38 -13.00 -12.02
N ASN A 272 -7.55 -13.60 -11.16
CA ASN A 272 -6.12 -13.67 -11.48
C ASN A 272 -5.85 -14.48 -12.75
N LYS A 273 -6.54 -15.61 -12.88
CA LYS A 273 -6.30 -16.53 -13.99
C LYS A 273 -6.88 -16.01 -15.31
N ASN A 274 -8.02 -15.33 -15.27
CA ASN A 274 -8.73 -14.92 -16.50
C ASN A 274 -8.53 -13.47 -16.92
N VAL A 275 -8.18 -12.60 -15.98
CA VAL A 275 -8.12 -11.18 -16.28
C VAL A 275 -6.70 -10.66 -16.12
N TYR A 276 -6.18 -10.73 -14.91
CA TYR A 276 -4.90 -10.06 -14.57
C TYR A 276 -3.69 -10.68 -15.27
N VAL A 277 -3.45 -11.97 -15.05
CA VAL A 277 -2.28 -12.62 -15.68
C VAL A 277 -2.32 -12.54 -17.21
N PRO A 278 -3.46 -12.89 -17.84
CA PRO A 278 -3.48 -12.78 -19.30
C PRO A 278 -3.24 -11.35 -19.81
N ASP A 279 -3.78 -10.34 -19.13
CA ASP A 279 -3.55 -8.95 -19.55
C ASP A 279 -2.09 -8.59 -19.51
N VAL A 280 -1.42 -8.98 -18.42
CA VAL A 280 -0.01 -8.64 -18.28
C VAL A 280 0.84 -9.40 -19.32
N LEU A 281 0.51 -10.67 -19.58
CA LEU A 281 1.21 -11.42 -20.62
C LEU A 281 1.05 -10.77 -21.98
N ALA A 282 -0.17 -10.30 -22.28
CA ALA A 282 -0.46 -9.67 -23.57
C ALA A 282 0.23 -8.32 -23.73
N ILE A 283 0.10 -7.47 -22.73
CA ILE A 283 0.74 -6.15 -22.76
C ILE A 283 2.25 -6.33 -22.78
N GLY A 284 2.77 -7.25 -21.98
CA GLY A 284 4.19 -7.52 -21.96
C GLY A 284 4.72 -8.01 -23.31
N THR A 285 3.95 -8.87 -23.97
CA THR A 285 4.31 -9.36 -25.31
C THR A 285 4.44 -8.21 -26.31
N LEU A 286 3.44 -7.34 -26.32
CA LEU A 286 3.40 -6.24 -27.29
C LEU A 286 4.53 -5.22 -27.03
N TYR A 287 4.82 -4.92 -25.75
CA TYR A 287 5.97 -4.03 -25.45
C TYR A 287 7.33 -4.70 -25.69
N LYS A 288 7.40 -6.01 -25.46
CA LYS A 288 8.58 -6.80 -25.84
C LYS A 288 8.81 -6.71 -27.36
N GLN A 289 7.75 -6.87 -28.13
CA GLN A 289 7.84 -6.79 -29.58
C GLN A 289 8.33 -5.42 -30.05
N ALA A 290 7.93 -4.37 -29.33
CA ALA A 290 8.45 -3.02 -29.58
C ALA A 290 9.90 -2.80 -29.11
N GLY A 291 10.51 -3.79 -28.47
CA GLY A 291 11.88 -3.71 -27.98
C GLY A 291 12.06 -3.00 -26.65
N TRP A 292 10.98 -2.83 -25.87
CA TRP A 292 11.07 -2.04 -24.64
C TRP A 292 11.43 -2.95 -23.45
N LEU A 293 12.70 -3.35 -23.39
CA LEU A 293 13.21 -4.26 -22.36
CA LEU A 293 13.19 -4.25 -22.34
C LEU A 293 14.06 -3.51 -21.33
N TYR A 294 13.86 -2.20 -21.24
CA TYR A 294 14.56 -1.37 -20.27
C TYR A 294 14.07 -1.62 -18.84
N GLY A 295 14.84 -1.13 -17.89
CA GLY A 295 14.40 -1.07 -16.50
C GLY A 295 14.87 -2.16 -15.57
N GLY A 296 15.78 -3.02 -16.02
CA GLY A 296 16.25 -4.11 -15.19
C GLY A 296 16.98 -3.69 -13.93
N GLY A 297 17.77 -2.61 -14.01
CA GLY A 297 18.50 -2.09 -12.86
C GLY A 297 19.25 -3.17 -12.13
N LEU A 298 19.03 -3.24 -10.81
CA LEU A 298 19.71 -4.23 -9.96
C LEU A 298 19.16 -5.65 -10.07
N ALA A 299 17.98 -5.83 -10.67
CA ALA A 299 17.42 -7.18 -10.78
C ALA A 299 18.32 -8.11 -11.58
N ALA A 300 19.11 -7.53 -12.50
CA ALA A 300 20.07 -8.29 -13.28
C ALA A 300 21.24 -8.84 -12.47
N THR A 301 21.47 -8.29 -11.27
CA THR A 301 22.59 -8.71 -10.42
C THR A 301 22.17 -9.19 -9.03
N ASN A 302 21.57 -8.31 -8.24
CA ASN A 302 21.45 -8.48 -6.80
C ASN A 302 19.99 -8.43 -6.35
N VAL A 303 19.45 -9.55 -5.86
CA VAL A 303 18.05 -9.60 -5.38
C VAL A 303 17.98 -10.28 -4.00
N LEU A 304 17.00 -9.89 -3.20
CA LEU A 304 16.88 -10.37 -1.82
C LEU A 304 15.42 -10.50 -1.43
N ASP A 305 15.12 -11.53 -0.64
CA ASP A 305 13.86 -11.63 0.12
C ASP A 305 14.13 -12.47 1.34
N TYR A 306 13.37 -12.25 2.41
CA TYR A 306 13.56 -13.03 3.63
C TYR A 306 13.03 -14.45 3.52
N GLY A 307 12.12 -14.69 2.57
CA GLY A 307 11.48 -15.99 2.42
C GLY A 307 10.23 -16.07 3.30
N GLU A 308 9.19 -16.70 2.78
CA GLU A 308 7.88 -16.63 3.40
C GLU A 308 7.00 -17.83 3.05
N TYR A 309 5.94 -18.00 3.83
CA TYR A 309 4.85 -18.97 3.59
C TYR A 309 5.32 -20.41 3.74
N PRO A 310 5.82 -20.77 4.93
CA PRO A 310 6.26 -22.14 5.14
C PRO A 310 5.08 -23.12 5.11
N ASN A 311 5.24 -24.20 4.35
CA ASN A 311 4.31 -25.35 4.30
C ASN A 311 4.09 -25.91 5.71
N VAL A 312 5.13 -25.87 6.55
CA VAL A 312 5.06 -26.23 7.96
C VAL A 312 5.44 -25.02 8.82
N ALA A 313 4.52 -24.58 9.67
CA ALA A 313 4.75 -23.39 10.51
C ALA A 313 6.05 -23.48 11.29
N TYR A 314 6.74 -22.35 11.38
CA TYR A 314 8.02 -22.24 12.09
C TYR A 314 9.16 -23.13 11.50
N ASN A 315 9.00 -23.61 10.27
CA ASN A 315 10.02 -24.43 9.59
C ASN A 315 10.39 -23.81 8.25
N LYS A 316 11.47 -23.04 8.26
CA LYS A 316 11.79 -22.15 7.15
C LYS A 316 12.22 -22.87 5.86
N SER A 317 12.77 -24.08 5.99
CA SER A 317 13.12 -24.86 4.80
C SER A 317 11.91 -25.18 3.91
N THR A 318 10.69 -25.07 4.46
CA THR A 318 9.46 -25.33 3.71
C THR A 318 8.78 -24.05 3.15
N ASP A 319 9.47 -22.91 3.17
CA ASP A 319 8.94 -21.67 2.56
C ASP A 319 8.52 -21.88 1.10
N GLN A 320 7.29 -21.50 0.78
CA GLN A 320 6.75 -21.63 -0.57
C GLN A 320 7.13 -20.46 -1.47
N LEU A 321 7.60 -19.37 -0.86
CA LEU A 321 8.36 -18.33 -1.58
C LEU A 321 9.71 -18.30 -0.90
N PRO A 322 10.61 -19.23 -1.27
CA PRO A 322 11.88 -19.31 -0.53
C PRO A 322 12.79 -18.13 -0.87
N GLY A 323 13.50 -17.66 0.14
CA GLY A 323 14.26 -16.44 0.02
C GLY A 323 15.76 -16.65 0.07
N GLY A 324 16.47 -15.60 0.44
CA GLY A 324 17.90 -15.57 0.42
C GLY A 324 18.34 -14.40 -0.42
N ALA A 325 19.62 -14.41 -0.82
CA ALA A 325 20.21 -13.34 -1.60
C ALA A 325 20.98 -13.93 -2.78
N ILE A 326 20.87 -13.27 -3.94
CA ILE A 326 21.65 -13.57 -5.12
C ILE A 326 22.51 -12.36 -5.38
N LEU A 327 23.77 -12.58 -5.74
CA LEU A 327 24.68 -11.50 -6.11
C LEU A 327 25.26 -11.71 -7.51
N ASN A 328 25.57 -10.60 -8.17
CA ASN A 328 26.30 -10.59 -9.44
C ASN A 328 25.64 -11.39 -10.58
N GLY A 329 24.33 -11.58 -10.49
CA GLY A 329 23.58 -12.29 -11.51
C GLY A 329 23.84 -13.79 -11.52
N ASN A 330 24.44 -14.32 -10.46
CA ASN A 330 24.70 -15.75 -10.37
C ASN A 330 23.51 -16.45 -9.71
N TRP A 331 22.64 -17.00 -10.55
CA TRP A 331 21.44 -17.70 -10.12
C TRP A 331 21.72 -19.13 -9.64
N ASP A 332 22.97 -19.59 -9.73
CA ASP A 332 23.33 -20.92 -9.21
C ASP A 332 23.71 -20.92 -7.73
N GLU A 333 23.73 -19.75 -7.10
CA GLU A 333 24.14 -19.66 -5.70
C GLU A 333 23.23 -18.70 -4.92
N VAL A 334 22.35 -19.25 -4.09
CA VAL A 334 21.50 -18.42 -3.22
C VAL A 334 22.12 -18.43 -1.83
N PHE A 335 22.55 -17.25 -1.35
CA PHE A 335 23.06 -17.11 0.01
C PHE A 335 21.92 -17.01 1.02
N PRO A 336 22.10 -17.62 2.20
CA PRO A 336 21.09 -17.47 3.25
C PRO A 336 21.08 -16.06 3.82
N VAL A 337 19.89 -15.56 4.16
CA VAL A 337 19.75 -14.24 4.76
C VAL A 337 19.22 -14.41 6.16
N ASP A 338 19.93 -13.84 7.12
CA ASP A 338 19.58 -13.94 8.53
C ASP A 338 19.31 -12.54 9.07
N PRO A 339 18.03 -12.21 9.35
CA PRO A 339 17.71 -10.89 9.90
C PRO A 339 18.30 -10.58 11.29
N ARG A 340 18.80 -11.60 11.99
CA ARG A 340 19.41 -11.42 13.31
C ARG A 340 20.89 -11.05 13.26
N ASP A 341 21.53 -11.27 12.11
CA ASP A 341 22.98 -11.09 11.97
C ASP A 341 23.34 -9.62 11.79
N SER A 342 24.11 -9.05 12.71
CA SER A 342 24.42 -7.61 12.66
C SER A 342 25.23 -7.17 11.42
N GLN A 343 25.85 -8.14 10.75
CA GLN A 343 26.69 -7.86 9.57
C GLN A 343 25.94 -8.02 8.25
N GLN A 344 24.65 -8.37 8.30
CA GLN A 344 23.87 -8.56 7.08
C GLN A 344 23.03 -7.32 6.76
N VAL A 345 21.82 -7.23 7.27
CA VAL A 345 20.99 -6.04 7.01
C VAL A 345 21.48 -4.83 7.82
N GLN A 346 21.86 -3.77 7.12
CA GLN A 346 22.30 -2.51 7.77
C GLN A 346 21.75 -1.32 7.01
N GLU A 347 21.52 -0.20 7.69
CA GLU A 347 21.04 1.02 7.04
C GLU A 347 22.02 2.16 7.21
N PHE A 348 22.35 2.79 6.09
CA PHE A 348 23.19 3.98 6.05
C PHE A 348 22.31 5.22 5.97
N VAL A 349 22.84 6.37 6.42
CA VAL A 349 22.14 7.64 6.28
C VAL A 349 23.02 8.72 5.67
N SER A 350 24.11 8.30 5.05
CA SER A 350 25.06 9.23 4.41
C SER A 350 24.39 10.23 3.48
N HIS A 351 23.41 9.77 2.70
CA HIS A 351 22.68 10.63 1.76
C HIS A 351 21.20 10.78 2.13
N SER A 352 20.87 10.54 3.41
CA SER A 352 19.51 10.66 3.94
C SER A 352 19.43 11.77 4.98
N TRP A 353 18.22 12.31 5.18
CA TRP A 353 18.01 13.39 6.12
C TRP A 353 17.89 12.90 7.58
N TYR A 354 18.92 12.17 8.01
CA TYR A 354 19.06 11.70 9.38
C TYR A 354 20.50 11.90 9.84
N LYS A 355 20.74 11.67 11.13
CA LYS A 355 22.04 11.82 11.74
C LYS A 355 22.43 10.55 12.49
N TYR A 356 23.65 10.05 12.24
CA TYR A 356 24.32 9.09 13.12
C TYR A 356 25.54 9.77 13.69
N ALA A 357 26.06 9.22 14.77
CA ALA A 357 27.37 9.63 15.30
C ALA A 357 28.43 9.50 14.19
N ASP A 358 28.45 8.33 13.54
CA ASP A 358 29.38 8.05 12.44
C ASP A 358 28.61 7.55 11.21
N GLU A 359 28.51 8.40 10.20
CA GLU A 359 27.72 8.09 9.02
C GLU A 359 28.50 7.28 7.96
N SER A 360 29.73 6.90 8.28
CA SER A 360 30.47 6.00 7.42
C SER A 360 30.11 4.51 7.68
N VAL A 361 29.27 4.24 8.67
CA VAL A 361 28.86 2.86 8.93
C VAL A 361 27.36 2.69 8.80
N GLY A 362 26.98 1.46 8.56
CA GLY A 362 25.55 1.09 8.51
C GLY A 362 25.16 0.39 9.79
N LEU A 363 23.97 0.69 10.29
CA LEU A 363 23.48 0.12 11.55
C LEU A 363 22.49 -0.99 11.27
N HIS A 364 22.72 -2.15 11.87
CA HIS A 364 21.70 -3.19 11.94
C HIS A 364 20.50 -2.64 12.73
N PRO A 365 19.27 -3.05 12.37
CA PRO A 365 18.14 -2.36 12.97
C PRO A 365 17.94 -2.52 14.48
N TRP A 366 18.47 -3.57 15.10
CA TRP A 366 18.46 -3.62 16.57
C TRP A 366 19.27 -2.49 17.21
N ASP A 367 20.19 -1.92 16.44
CA ASP A 367 20.98 -0.76 16.87
C ASP A 367 20.62 0.49 16.09
N GLY A 368 19.46 0.49 15.43
CA GLY A 368 19.11 1.60 14.56
C GLY A 368 18.78 2.89 15.31
N VAL A 369 18.93 4.00 14.62
CA VAL A 369 18.75 5.33 15.16
C VAL A 369 17.97 6.16 14.14
N THR A 370 16.97 6.90 14.60
CA THR A 370 16.19 7.76 13.74
C THR A 370 16.10 9.16 14.31
N GLU A 371 17.10 9.98 13.98
CA GLU A 371 17.15 11.38 14.41
C GLU A 371 17.14 12.21 13.14
N PRO A 372 16.09 13.03 12.94
CA PRO A 372 15.99 13.77 11.68
C PRO A 372 17.07 14.83 11.54
N ASN A 373 17.44 15.09 10.28
CA ASN A 373 18.44 16.11 9.95
C ASN A 373 18.18 16.64 8.55
N TYR A 374 17.20 17.53 8.45
CA TYR A 374 16.82 18.10 7.15
C TYR A 374 17.80 19.23 6.82
N VAL A 375 18.68 18.98 5.86
CA VAL A 375 19.71 19.94 5.44
C VAL A 375 20.01 19.66 3.96
N LEU A 376 20.15 20.72 3.17
CA LEU A 376 20.39 20.60 1.74
C LEU A 376 21.84 20.91 1.37
N GLY A 377 22.31 20.26 0.33
CA GLY A 377 23.69 20.38 -0.12
C GLY A 377 24.03 21.73 -0.72
N ALA A 378 25.33 21.99 -0.80
CA ALA A 378 25.83 23.28 -1.33
C ALA A 378 25.48 23.55 -2.80
N ASN A 379 25.27 22.48 -3.59
CA ASN A 379 24.96 22.61 -5.01
CA ASN A 379 24.96 22.61 -5.02
C ASN A 379 23.45 22.65 -5.31
N THR A 380 22.63 22.74 -4.28
CA THR A 380 21.18 22.89 -4.47
C THR A 380 20.86 24.13 -5.31
N LYS A 381 19.96 23.98 -6.28
CA LYS A 381 19.33 25.12 -6.93
C LYS A 381 18.05 25.38 -6.17
N GLY A 382 17.94 26.57 -5.62
CA GLY A 382 16.79 26.97 -4.81
C GLY A 382 17.15 27.15 -3.36
N THR A 383 16.12 27.12 -2.51
CA THR A 383 16.28 27.35 -1.08
C THR A 383 15.81 26.14 -0.29
N ARG A 384 16.07 26.18 1.02
CA ARG A 384 15.58 25.16 1.95
C ARG A 384 14.11 24.79 1.84
N THR A 385 13.28 25.77 1.48
CA THR A 385 11.84 25.56 1.38
C THR A 385 11.32 25.74 -0.04
N ARG A 386 12.22 25.80 -1.02
CA ARG A 386 11.83 25.96 -2.41
CA ARG A 386 11.84 25.97 -2.41
C ARG A 386 12.92 25.37 -3.30
N ILE A 387 12.90 24.05 -3.43
CA ILE A 387 13.91 23.31 -4.15
C ILE A 387 13.59 23.32 -5.66
N GLU A 388 14.55 23.76 -6.47
CA GLU A 388 14.43 23.71 -7.93
C GLU A 388 15.16 22.48 -8.48
N GLN A 389 16.35 22.23 -7.96
CA GLN A 389 17.14 21.04 -8.30
CA GLN A 389 17.14 21.05 -8.32
C GLN A 389 17.84 20.53 -7.06
N ILE A 390 17.46 19.34 -6.62
CA ILE A 390 18.07 18.73 -5.46
C ILE A 390 19.54 18.36 -5.71
N ASP A 391 20.33 18.38 -4.64
CA ASP A 391 21.77 18.09 -4.68
C ASP A 391 22.04 16.69 -4.15
N GLU A 392 22.11 15.71 -5.07
CA GLU A 392 22.32 14.31 -4.72
C GLU A 392 23.74 13.98 -4.26
N SER A 393 24.66 14.95 -4.30
CA SER A 393 25.98 14.69 -3.73
C SER A 393 25.94 14.75 -2.19
N ALA A 394 24.86 15.32 -1.63
CA ALA A 394 24.71 15.46 -0.19
C ALA A 394 23.48 14.68 0.26
N LYS A 395 22.74 15.15 1.26
CA LYS A 395 21.55 14.43 1.73
C LYS A 395 20.33 14.84 0.94
N TYR A 396 19.60 13.86 0.42
CA TYR A 396 18.55 14.14 -0.55
C TYR A 396 17.29 13.32 -0.43
N SER A 397 17.01 12.76 0.73
CA SER A 397 15.85 11.88 0.86
C SER A 397 15.54 11.55 2.32
N TRP A 398 14.25 11.37 2.61
CA TRP A 398 13.79 10.88 3.91
C TRP A 398 13.88 9.35 4.01
N ILE A 399 14.33 8.69 2.95
CA ILE A 399 14.49 7.23 2.94
C ILE A 399 15.92 6.91 3.37
N LYS A 400 16.06 6.03 4.37
CA LYS A 400 17.36 5.46 4.71
C LYS A 400 17.90 4.54 3.59
N SER A 401 19.16 4.14 3.70
CA SER A 401 19.79 3.28 2.70
C SER A 401 20.11 1.87 3.21
N PRO A 402 19.16 0.92 3.07
CA PRO A 402 19.48 -0.44 3.51
C PRO A 402 20.36 -1.16 2.52
N ARG A 403 21.29 -1.94 3.04
CA ARG A 403 22.20 -2.77 2.24
C ARG A 403 22.31 -4.13 2.92
N TRP A 404 22.68 -5.15 2.16
CA TRP A 404 22.90 -6.51 2.68
C TRP A 404 24.37 -6.87 2.54
N ARG A 405 25.06 -7.04 3.67
CA ARG A 405 26.52 -7.22 3.68
C ARG A 405 27.18 -6.14 2.79
N GLY A 406 26.63 -4.94 2.82
CA GLY A 406 27.17 -3.81 2.05
C GLY A 406 26.68 -3.71 0.61
N HIS A 407 25.98 -4.74 0.12
CA HIS A 407 25.51 -4.77 -1.27
C HIS A 407 24.15 -4.11 -1.41
N ALA A 408 23.97 -3.38 -2.51
CA ALA A 408 22.65 -2.82 -2.84
C ALA A 408 21.84 -3.89 -3.56
N MET A 409 20.60 -4.08 -3.11
CA MET A 409 19.74 -5.19 -3.55
C MET A 409 18.40 -4.64 -4.04
N GLU A 410 17.79 -5.34 -5.00
CA GLU A 410 16.37 -5.11 -5.34
C GLU A 410 15.54 -6.13 -4.56
N VAL A 411 14.38 -5.66 -4.09
CA VAL A 411 13.41 -6.50 -3.41
C VAL A 411 12.07 -6.39 -4.14
N GLY A 412 11.19 -7.38 -3.90
CA GLY A 412 9.87 -7.36 -4.46
C GLY A 412 9.46 -8.67 -5.10
N PRO A 413 8.29 -8.69 -5.75
CA PRO A 413 7.84 -9.93 -6.41
C PRO A 413 8.87 -10.47 -7.41
N LEU A 414 9.47 -9.58 -8.20
CA LEU A 414 10.50 -10.04 -9.14
C LEU A 414 11.65 -10.72 -8.43
N SER A 415 12.14 -10.09 -7.36
CA SER A 415 13.18 -10.72 -6.56
C SER A 415 12.78 -12.09 -6.06
N ARG A 416 11.57 -12.19 -5.52
CA ARG A 416 11.06 -13.48 -5.05
C ARG A 416 10.96 -14.54 -6.16
N TYR A 417 10.58 -14.11 -7.36
CA TYR A 417 10.45 -15.05 -8.48
C TYR A 417 11.81 -15.50 -9.04
N ILE A 418 12.80 -14.61 -9.07
CA ILE A 418 14.15 -14.99 -9.42
C ILE A 418 14.70 -15.96 -8.38
N LEU A 419 14.48 -15.65 -7.11
CA LEU A 419 14.94 -16.53 -6.03
C LEU A 419 14.24 -17.88 -6.10
N ALA A 420 12.92 -17.88 -6.32
CA ALA A 420 12.18 -19.13 -6.43
C ALA A 420 12.69 -19.98 -7.59
N TYR A 421 12.96 -19.31 -8.73
CA TYR A 421 13.51 -20.00 -9.90
C TYR A 421 14.87 -20.64 -9.60
N ALA A 422 15.76 -19.87 -8.98
CA ALA A 422 17.07 -20.37 -8.56
C ALA A 422 16.95 -21.55 -7.61
N HIS A 423 16.09 -21.41 -6.60
CA HIS A 423 15.81 -22.49 -5.66
C HIS A 423 15.30 -23.74 -6.37
N ALA A 424 14.32 -23.55 -7.26
CA ALA A 424 13.72 -24.69 -7.98
C ALA A 424 14.75 -25.42 -8.82
N ARG A 425 15.64 -24.67 -9.45
CA ARG A 425 16.71 -25.26 -10.27
CA ARG A 425 16.72 -25.25 -10.26
C ARG A 425 17.75 -26.01 -9.41
N SER A 426 17.92 -25.59 -8.16
CA SER A 426 18.82 -26.26 -7.21
C SER A 426 18.18 -27.50 -6.54
N GLY A 427 16.92 -27.77 -6.84
CA GLY A 427 16.21 -28.95 -6.32
C GLY A 427 15.19 -28.69 -5.22
N ASN A 428 14.92 -27.42 -4.92
CA ASN A 428 13.89 -27.07 -3.95
C ASN A 428 12.48 -27.29 -4.53
N LYS A 429 11.78 -28.30 -4.01
CA LYS A 429 10.46 -28.66 -4.51
C LYS A 429 9.36 -27.66 -4.15
N TYR A 430 9.58 -26.88 -3.08
CA TYR A 430 8.56 -25.95 -2.60
C TYR A 430 8.40 -24.77 -3.55
N ALA A 431 9.36 -24.60 -4.47
CA ALA A 431 9.34 -23.52 -5.45
C ALA A 431 8.85 -23.95 -6.82
N GLU A 432 8.28 -25.15 -6.95
CA GLU A 432 7.89 -25.69 -8.24
C GLU A 432 6.84 -24.84 -8.95
N ARG A 433 5.85 -24.33 -8.22
CA ARG A 433 4.78 -23.59 -8.86
C ARG A 433 5.26 -22.27 -9.49
N PRO A 434 6.01 -21.44 -8.73
CA PRO A 434 6.51 -20.23 -9.40
C PRO A 434 7.41 -20.53 -10.60
N LYS A 435 8.22 -21.59 -10.54
CA LYS A 435 9.01 -22.00 -11.69
C LYS A 435 8.13 -22.32 -12.89
N GLU A 436 7.07 -23.11 -12.65
CA GLU A 436 6.12 -23.44 -13.70
C GLU A 436 5.47 -22.20 -14.30
N GLN A 437 5.04 -21.26 -13.45
CA GLN A 437 4.44 -20.01 -13.92
C GLN A 437 5.39 -19.24 -14.82
N LEU A 438 6.66 -19.19 -14.45
CA LEU A 438 7.66 -18.47 -15.23
C LEU A 438 7.88 -19.10 -16.60
N GLU A 439 8.03 -20.42 -16.62
CA GLU A 439 8.23 -21.14 -17.88
C GLU A 439 7.02 -21.00 -18.80
N TYR A 440 5.83 -21.12 -18.24
CA TYR A 440 4.59 -20.88 -18.98
C TYR A 440 4.56 -19.45 -19.53
N SER A 441 4.91 -18.48 -18.69
CA SER A 441 4.90 -17.08 -19.10
C SER A 441 5.88 -16.77 -20.23
N ALA A 442 7.07 -17.35 -20.15
CA ALA A 442 8.08 -17.14 -21.19
C ALA A 442 7.59 -17.71 -22.53
N GLN A 443 6.97 -18.89 -22.47
CA GLN A 443 6.43 -19.51 -23.69
C GLN A 443 5.29 -18.68 -24.28
N MET A 444 4.44 -18.10 -23.43
CA MET A 444 3.35 -17.25 -23.90
C MET A 444 3.89 -15.98 -24.54
N ILE A 445 4.88 -15.37 -23.91
CA ILE A 445 5.42 -14.09 -24.36
C ILE A 445 6.28 -14.27 -25.63
N ASN A 446 7.02 -15.36 -25.68
CA ASN A 446 7.91 -15.66 -26.82
C ASN A 446 7.23 -16.25 -28.04
N SER A 447 6.24 -17.14 -27.83
CA SER A 447 5.68 -17.96 -28.92
CA SER A 447 5.68 -17.96 -28.92
CA SER A 447 5.68 -17.93 -28.94
C SER A 447 4.16 -17.89 -29.04
N ALA A 448 3.45 -18.33 -28.00
CA ALA A 448 1.99 -18.48 -28.11
C ALA A 448 1.22 -17.20 -28.39
N ILE A 449 1.54 -16.13 -27.69
CA ILE A 449 0.84 -14.89 -27.92
C ILE A 449 1.25 -14.28 -29.27
N PRO A 450 2.56 -14.23 -29.56
CA PRO A 450 2.95 -13.77 -30.89
C PRO A 450 2.28 -14.55 -32.03
N LYS A 451 2.27 -15.89 -31.93
CA LYS A 451 1.60 -16.71 -32.96
C LYS A 451 0.13 -16.33 -33.10
N ALA A 452 -0.55 -16.12 -31.98
CA ALA A 452 -1.97 -15.74 -31.99
C ALA A 452 -2.26 -14.33 -32.54
N LEU A 453 -1.30 -13.42 -32.39
CA LEU A 453 -1.46 -12.03 -32.88
C LEU A 453 -0.76 -11.79 -34.22
N GLY A 454 -0.18 -12.82 -34.82
CA GLY A 454 0.51 -12.69 -36.10
C GLY A 454 1.81 -11.92 -36.03
N LEU A 455 2.50 -12.03 -34.90
CA LEU A 455 3.79 -11.36 -34.67
C LEU A 455 4.90 -12.38 -34.71
N PRO A 456 6.13 -11.92 -34.99
CA PRO A 456 7.25 -12.87 -34.99
C PRO A 456 7.49 -13.50 -33.62
N GLU A 457 7.87 -14.78 -33.64
CA GLU A 457 8.22 -15.51 -32.43
CA GLU A 457 8.21 -15.47 -32.41
C GLU A 457 9.61 -15.07 -31.98
N THR A 458 9.83 -14.99 -30.68
CA THR A 458 11.13 -14.59 -30.15
C THR A 458 11.68 -15.71 -29.27
N GLN A 459 12.92 -15.56 -28.82
CA GLN A 459 13.60 -16.62 -28.06
C GLN A 459 14.32 -16.08 -26.83
N TYR A 460 13.71 -15.12 -26.16
CA TYR A 460 14.30 -14.61 -24.92
C TYR A 460 14.27 -15.69 -23.86
N THR A 461 15.36 -15.79 -23.11
CA THR A 461 15.42 -16.65 -21.94
C THR A 461 14.85 -15.89 -20.74
N LEU A 462 14.58 -16.61 -19.65
CA LEU A 462 14.15 -15.94 -18.41
C LEU A 462 15.22 -15.01 -17.86
N LYS A 463 16.48 -15.38 -18.08
CA LYS A 463 17.62 -14.54 -17.70
C LYS A 463 17.55 -13.17 -18.38
N GLN A 464 17.03 -13.13 -19.60
CA GLN A 464 16.87 -11.90 -20.38
C GLN A 464 15.56 -11.16 -20.10
N LEU A 465 14.47 -11.91 -20.01
CA LEU A 465 13.14 -11.33 -19.87
CA LEU A 465 13.13 -11.30 -19.86
C LEU A 465 12.88 -10.78 -18.46
N LEU A 466 13.29 -11.52 -17.44
CA LEU A 466 12.93 -11.16 -16.08
C LEU A 466 13.52 -9.84 -15.58
N PRO A 467 14.82 -9.60 -15.82
CA PRO A 467 15.38 -8.32 -15.34
C PRO A 467 15.07 -7.15 -16.30
N SER A 468 13.85 -6.65 -16.15
CA SER A 468 13.31 -5.63 -17.00
C SER A 468 12.05 -5.12 -16.35
N THR A 469 11.62 -3.94 -16.75
CA THR A 469 10.36 -3.39 -16.24
C THR A 469 9.18 -4.32 -16.60
N ILE A 470 9.20 -4.88 -17.81
CA ILE A 470 8.20 -5.90 -18.18
C ILE A 470 8.25 -7.10 -17.20
N GLY A 471 9.43 -7.62 -16.95
CA GLY A 471 9.61 -8.76 -16.05
C GLY A 471 9.12 -8.47 -14.64
N ARG A 472 9.39 -7.26 -14.17
CA ARG A 472 8.99 -6.85 -12.83
C ARG A 472 7.46 -6.81 -12.71
N THR A 473 6.82 -6.32 -13.76
CA THR A 473 5.37 -6.26 -13.86
C THR A 473 4.77 -7.67 -13.93
N LEU A 474 5.38 -8.53 -14.74
CA LEU A 474 4.95 -9.93 -14.84
C LEU A 474 5.05 -10.69 -13.52
N ALA A 475 6.17 -10.57 -12.83
CA ALA A 475 6.36 -11.29 -11.57
C ALA A 475 5.29 -10.93 -10.56
N ARG A 476 4.89 -9.66 -10.51
CA ARG A 476 3.82 -9.23 -9.60
C ARG A 476 2.52 -9.95 -9.91
N ALA A 477 2.15 -10.03 -11.19
CA ALA A 477 0.92 -10.71 -11.59
C ALA A 477 0.96 -12.20 -11.26
N LEU A 478 2.08 -12.83 -11.55
CA LEU A 478 2.24 -14.25 -11.21
C LEU A 478 2.16 -14.48 -9.70
N GLU A 479 2.78 -13.60 -8.93
CA GLU A 479 2.73 -13.70 -7.48
C GLU A 479 1.28 -13.60 -6.97
N SER A 480 0.51 -12.68 -7.53
CA SER A 480 -0.91 -12.55 -7.18
C SER A 480 -1.62 -13.89 -7.38
N GLN A 481 -1.43 -14.48 -8.56
CA GLN A 481 -2.03 -15.77 -8.87
C GLN A 481 -1.61 -16.85 -7.87
N TYR A 482 -0.31 -16.95 -7.59
CA TYR A 482 0.21 -17.93 -6.65
C TYR A 482 -0.35 -17.73 -5.24
N CYS A 483 -0.44 -16.49 -4.80
CA CYS A 483 -1.00 -16.20 -3.50
C CYS A 483 -2.45 -16.63 -3.39
N GLY A 484 -3.24 -16.39 -4.43
CA GLY A 484 -4.64 -16.86 -4.47
C GLY A 484 -4.73 -18.38 -4.36
N GLU A 485 -3.87 -19.07 -5.09
CA GLU A 485 -3.84 -20.54 -5.04
C GLU A 485 -3.44 -21.03 -3.65
N MET A 486 -2.45 -20.40 -3.04
CA MET A 486 -2.01 -20.81 -1.71
C MET A 486 -3.09 -20.60 -0.65
N MET A 487 -3.79 -19.46 -0.67
CA MET A 487 -4.77 -19.27 0.41
CA MET A 487 -4.83 -19.19 0.35
C MET A 487 -6.00 -20.16 0.22
N HIS A 488 -6.23 -20.62 -1.01
CA HIS A 488 -7.26 -21.64 -1.28
C HIS A 488 -6.94 -22.93 -0.49
N SER A 489 -5.68 -23.33 -0.52
CA SER A 489 -5.22 -24.49 0.26
CA SER A 489 -5.19 -24.48 0.26
C SER A 489 -5.24 -24.19 1.75
N ASP A 490 -4.83 -22.99 2.14
CA ASP A 490 -4.84 -22.64 3.56
C ASP A 490 -6.26 -22.73 4.14
N TRP A 491 -7.26 -22.30 3.36
CA TRP A 491 -8.65 -22.37 3.79
C TRP A 491 -9.05 -23.81 4.11
N HIS A 492 -8.69 -24.73 3.23
CA HIS A 492 -9.01 -26.16 3.46
C HIS A 492 -8.30 -26.67 4.70
N ASP A 493 -7.06 -26.25 4.91
CA ASP A 493 -6.33 -26.67 6.10
C ASP A 493 -6.96 -26.13 7.39
N LEU A 494 -7.39 -24.88 7.35
CA LEU A 494 -8.07 -24.25 8.47
C LEU A 494 -9.35 -24.99 8.85
N VAL A 495 -10.21 -25.22 7.87
CA VAL A 495 -11.50 -25.86 8.12
C VAL A 495 -11.26 -27.29 8.61
N ALA A 496 -10.29 -28.00 8.02
CA ALA A 496 -9.97 -29.36 8.48
C ALA A 496 -9.51 -29.38 9.92
N ASN A 497 -8.65 -28.43 10.29
CA ASN A 497 -8.15 -28.36 11.67
C ASN A 497 -9.26 -28.08 12.69
N ILE A 498 -10.14 -27.14 12.36
CA ILE A 498 -11.27 -26.80 13.22
C ILE A 498 -12.20 -28.02 13.37
N ARG A 499 -12.48 -28.69 12.25
CA ARG A 499 -13.38 -29.86 12.30
C ARG A 499 -12.78 -31.05 13.07
N ALA A 500 -11.46 -31.14 13.09
CA ALA A 500 -10.77 -32.15 13.90
C ALA A 500 -10.83 -31.85 15.40
N GLY A 501 -11.28 -30.66 15.77
CA GLY A 501 -11.51 -30.30 17.17
C GLY A 501 -10.57 -29.25 17.72
N ASP A 502 -9.64 -28.74 16.91
CA ASP A 502 -8.79 -27.66 17.37
C ASP A 502 -9.39 -26.31 16.98
N THR A 503 -10.02 -25.64 17.94
CA THR A 503 -10.64 -24.34 17.70
C THR A 503 -9.81 -23.17 18.23
N ALA A 504 -8.62 -23.44 18.76
CA ALA A 504 -7.82 -22.40 19.42
C ALA A 504 -7.43 -21.30 18.47
N THR A 505 -7.53 -20.04 18.91
CA THR A 505 -7.08 -18.89 18.12
C THR A 505 -6.06 -17.99 18.80
N ALA A 506 -5.82 -18.14 20.09
CA ALA A 506 -4.83 -17.30 20.77
C ALA A 506 -4.14 -18.03 21.90
N ASN A 507 -2.83 -17.81 21.98
CA ASN A 507 -2.02 -18.22 23.11
C ASN A 507 -1.85 -17.01 24.02
N VAL A 508 -2.43 -17.11 25.21
CA VAL A 508 -2.40 -16.00 26.17
C VAL A 508 -1.46 -16.26 27.34
N ASP A 509 -0.61 -17.27 27.23
CA ASP A 509 0.27 -17.62 28.36
C ASP A 509 1.16 -16.45 28.76
N LYS A 510 1.60 -15.67 27.77
CA LYS A 510 2.48 -14.52 28.01
CA LYS A 510 2.47 -14.51 28.01
C LYS A 510 1.82 -13.20 27.62
N TRP A 511 0.49 -13.14 27.66
CA TRP A 511 -0.21 -11.87 27.40
C TRP A 511 0.14 -10.82 28.45
N ASP A 512 0.18 -11.20 29.72
CA ASP A 512 0.41 -10.26 30.81
C ASP A 512 1.90 -9.94 30.92
N PRO A 513 2.27 -8.63 30.94
CA PRO A 513 3.71 -8.34 30.97
C PRO A 513 4.42 -8.77 32.25
N ALA A 514 3.68 -9.09 33.31
CA ALA A 514 4.29 -9.67 34.52
C ALA A 514 4.94 -11.03 34.26
N THR A 515 4.58 -11.66 33.13
CA THR A 515 5.21 -12.93 32.73
C THR A 515 6.42 -12.77 31.84
N TRP A 516 6.73 -11.55 31.42
CA TRP A 516 7.78 -11.34 30.44
C TRP A 516 9.16 -11.31 31.05
N PRO A 517 10.15 -11.70 30.27
CA PRO A 517 11.52 -11.35 30.66
C PRO A 517 11.66 -9.83 30.77
N LEU A 518 12.53 -9.38 31.65
CA LEU A 518 12.70 -7.95 31.91
C LEU A 518 13.36 -7.22 30.74
N GLN A 519 14.11 -7.94 29.93
CA GLN A 519 14.43 -7.42 28.61
C GLN A 519 14.46 -8.51 27.57
N ALA A 520 14.25 -8.11 26.33
CA ALA A 520 14.20 -9.05 25.23
C ALA A 520 14.31 -8.29 23.92
N LYS A 521 14.70 -9.00 22.88
CA LYS A 521 14.70 -8.45 21.53
CA LYS A 521 14.71 -8.46 21.54
C LYS A 521 14.12 -9.46 20.57
N GLY A 522 13.49 -8.97 19.50
CA GLY A 522 12.87 -9.85 18.55
C GLY A 522 12.82 -9.21 17.19
N VAL A 523 12.59 -10.05 16.19
CA VAL A 523 12.47 -9.59 14.82
C VAL A 523 11.33 -10.35 14.17
N GLY A 524 10.56 -9.63 13.38
CA GLY A 524 9.49 -10.20 12.58
C GLY A 524 9.73 -9.83 11.14
N THR A 525 9.68 -10.81 10.24
CA THR A 525 9.80 -10.55 8.82
C THR A 525 8.56 -11.01 8.09
N VAL A 526 8.30 -10.35 6.96
CA VAL A 526 7.14 -10.60 6.12
C VAL A 526 7.54 -10.41 4.67
N ALA A 527 7.05 -11.29 3.80
CA ALA A 527 7.13 -11.06 2.36
C ALA A 527 5.95 -10.16 2.01
N ALA A 528 6.15 -8.87 2.21
CA ALA A 528 5.12 -7.90 1.94
C ALA A 528 4.94 -7.74 0.42
N PRO A 529 3.82 -7.15 -0.02
CA PRO A 529 3.58 -7.00 -1.45
C PRO A 529 4.74 -6.42 -2.26
N ARG A 530 5.48 -5.47 -1.71
CA ARG A 530 6.57 -4.81 -2.42
C ARG A 530 7.95 -5.38 -2.15
N GLY A 531 8.05 -6.40 -1.29
CA GLY A 531 9.33 -7.06 -1.02
C GLY A 531 9.57 -7.44 0.43
N ALA A 532 10.81 -7.28 0.86
CA ALA A 532 11.28 -7.77 2.16
C ALA A 532 11.01 -6.74 3.26
N LEU A 533 10.12 -7.10 4.20
CA LEU A 533 9.76 -6.27 5.33
C LEU A 533 10.30 -6.88 6.61
N GLY A 534 10.95 -6.04 7.42
CA GLY A 534 11.33 -6.43 8.78
C GLY A 534 11.03 -5.36 9.83
N HIS A 535 10.64 -5.82 11.02
CA HIS A 535 10.51 -4.99 12.20
C HIS A 535 11.40 -5.61 13.27
N TRP A 536 12.26 -4.78 13.86
CA TRP A 536 13.16 -5.19 14.92
C TRP A 536 12.83 -4.41 16.19
N ILE A 537 12.59 -5.14 17.29
CA ILE A 537 12.13 -4.54 18.55
C ILE A 537 13.08 -4.91 19.68
N ARG A 538 13.31 -3.96 20.57
CA ARG A 538 13.92 -4.21 21.87
C ARG A 538 12.90 -3.82 22.92
N ILE A 539 12.68 -4.71 23.90
CA ILE A 539 11.74 -4.51 25.00
C ILE A 539 12.54 -4.40 26.31
N LYS A 540 12.15 -3.45 27.17
CA LYS A 540 12.77 -3.30 28.48
C LYS A 540 11.71 -2.91 29.49
N ASP A 541 11.59 -3.69 30.56
CA ASP A 541 10.63 -3.40 31.63
C ASP A 541 9.21 -3.18 31.10
N GLY A 542 8.79 -4.04 30.18
CA GLY A 542 7.44 -4.01 29.66
C GLY A 542 7.18 -2.96 28.59
N ARG A 543 8.19 -2.16 28.21
CA ARG A 543 8.04 -1.06 27.28
C ARG A 543 8.95 -1.23 26.07
N ILE A 544 8.60 -0.54 24.98
CA ILE A 544 9.44 -0.51 23.80
C ILE A 544 10.67 0.36 24.04
N GLU A 545 11.85 -0.25 23.95
CA GLU A 545 13.11 0.47 24.09
C GLU A 545 13.59 1.00 22.73
N ASN A 546 13.50 0.16 21.71
CA ASN A 546 13.82 0.55 20.34
C ASN A 546 12.87 -0.20 19.42
N TYR A 547 12.48 0.45 18.34
CA TYR A 547 11.64 -0.19 17.33
C TYR A 547 12.07 0.37 15.99
N GLN A 548 12.63 -0.48 15.14
CA GLN A 548 13.13 -0.07 13.84
C GLN A 548 12.50 -0.91 12.73
N CYS A 549 12.01 -0.22 11.70
CA CYS A 549 11.41 -0.83 10.53
C CYS A 549 12.33 -0.61 9.35
N VAL A 550 12.56 -1.69 8.60
CA VAL A 550 13.19 -1.61 7.28
C VAL A 550 12.19 -2.23 6.31
N VAL A 551 11.73 -1.42 5.37
CA VAL A 551 10.52 -1.69 4.62
C VAL A 551 10.89 -1.88 3.15
N PRO A 552 10.06 -2.59 2.34
CA PRO A 552 10.52 -2.89 1.01
C PRO A 552 10.89 -1.69 0.16
N THR A 553 10.07 -0.64 0.19
CA THR A 553 10.35 0.54 -0.59
C THR A 553 11.53 1.32 0.03
N THR A 554 11.86 1.09 1.30
CA THR A 554 13.12 1.62 1.84
C THR A 554 14.30 1.03 1.03
N TRP A 555 14.29 -0.28 0.81
CA TRP A 555 15.32 -0.91 -0.02
C TRP A 555 15.31 -0.33 -1.42
N ASN A 556 14.18 -0.42 -2.08
CA ASN A 556 14.13 -0.07 -3.50
C ASN A 556 14.33 1.40 -3.79
N GLY A 557 13.74 2.26 -2.98
CA GLY A 557 13.81 3.70 -3.18
C GLY A 557 15.00 4.38 -2.55
N SER A 558 15.88 3.60 -1.92
CA SER A 558 16.96 4.19 -1.14
CA SER A 558 17.05 4.09 -1.18
C SER A 558 17.89 5.10 -1.95
N PRO A 559 18.39 6.15 -1.28
CA PRO A 559 19.42 6.97 -1.89
C PRO A 559 20.76 6.28 -1.77
N ARG A 560 21.79 6.94 -2.27
CA ARG A 560 23.10 6.34 -2.30
C ARG A 560 23.67 6.10 -0.88
N ASP A 561 24.54 5.11 -0.75
CA ASP A 561 25.13 4.77 0.54
C ASP A 561 26.48 5.50 0.73
N TYR A 562 27.22 5.15 1.75
CA TYR A 562 28.51 5.78 2.05
C TYR A 562 29.48 5.61 0.88
N LYS A 563 29.49 4.42 0.29
CA LYS A 563 30.32 4.13 -0.89
C LYS A 563 29.80 4.69 -2.21
N GLY A 564 28.64 5.35 -2.19
CA GLY A 564 28.05 5.93 -3.40
C GLY A 564 27.28 4.95 -4.26
N GLN A 565 27.02 3.74 -3.76
CA GLN A 565 26.24 2.76 -4.51
C GLN A 565 24.81 3.18 -4.61
N ILE A 566 24.22 2.96 -5.77
CA ILE A 566 22.83 3.33 -6.03
C ILE A 566 21.88 2.19 -5.69
N GLY A 567 20.66 2.56 -5.30
CA GLY A 567 19.59 1.62 -5.07
C GLY A 567 18.77 1.28 -6.29
N ALA A 568 17.78 0.43 -6.08
CA ALA A 568 17.06 -0.17 -7.19
C ALA A 568 16.32 0.83 -8.11
N PHE A 569 15.62 1.82 -7.56
CA PHE A 569 14.92 2.81 -8.40
C PHE A 569 15.91 3.53 -9.33
N GLU A 570 17.00 4.04 -8.74
CA GLU A 570 17.97 4.82 -9.50
C GLU A 570 18.60 3.96 -10.60
N ALA A 571 18.95 2.71 -10.26
CA ALA A 571 19.56 1.78 -11.20
C ALA A 571 18.59 1.43 -12.34
N SER A 572 17.31 1.27 -12.02
CA SER A 572 16.30 0.90 -13.01
C SER A 572 16.06 1.96 -14.06
N LEU A 573 16.20 3.22 -13.70
CA LEU A 573 15.97 4.33 -14.64
C LEU A 573 17.16 4.54 -15.58
N MET A 574 18.35 4.20 -15.10
CA MET A 574 19.56 4.35 -15.91
C MET A 574 19.40 3.72 -17.28
N ASN A 575 19.95 4.44 -18.27
CA ASN A 575 20.12 3.94 -19.62
C ASN A 575 18.84 3.67 -20.36
N THR A 576 17.82 4.46 -20.04
CA THR A 576 16.52 4.39 -20.68
C THR A 576 16.30 5.62 -21.56
N PRO A 577 16.01 5.41 -22.86
CA PRO A 577 15.64 6.55 -23.70
C PRO A 577 14.25 7.07 -23.39
N MET A 578 14.07 8.38 -23.48
CA MET A 578 12.78 9.03 -23.34
C MET A 578 12.39 9.58 -24.70
N VAL A 579 11.14 9.32 -25.09
CA VAL A 579 10.62 9.91 -26.32
C VAL A 579 10.63 11.44 -26.26
N ASN A 580 10.24 11.99 -25.13
CA ASN A 580 10.24 13.42 -24.86
C ASN A 580 10.67 13.63 -23.41
N PRO A 581 11.85 14.26 -23.18
CA PRO A 581 12.33 14.42 -21.79
C PRO A 581 11.39 15.22 -20.87
N GLU A 582 10.48 16.00 -21.45
CA GLU A 582 9.48 16.75 -20.68
C GLU A 582 8.18 15.98 -20.41
N GLN A 583 8.03 14.77 -20.96
CA GLN A 583 6.91 13.90 -20.62
C GLN A 583 7.47 12.65 -19.94
N PRO A 584 7.23 12.50 -18.63
CA PRO A 584 7.92 11.43 -17.87
C PRO A 584 7.34 10.01 -18.06
N VAL A 585 6.85 9.67 -19.23
CA VAL A 585 6.16 8.39 -19.43
C VAL A 585 7.02 7.19 -19.06
N GLU A 586 8.27 7.18 -19.52
CA GLU A 586 9.15 6.05 -19.26
C GLU A 586 9.59 6.00 -17.80
N ILE A 587 9.82 7.18 -17.20
CA ILE A 587 10.19 7.29 -15.80
C ILE A 587 9.07 6.70 -14.96
N LEU A 588 7.83 7.13 -15.24
CA LEU A 588 6.67 6.62 -14.52
C LEU A 588 6.49 5.12 -14.72
N ARG A 589 6.61 4.65 -15.96
CA ARG A 589 6.45 3.22 -16.24
C ARG A 589 7.39 2.34 -15.41
N THR A 590 8.68 2.71 -15.39
CA THR A 590 9.65 1.94 -14.64
C THR A 590 9.50 2.12 -13.12
N LEU A 591 9.39 3.36 -12.63
CA LEU A 591 9.20 3.55 -11.19
C LEU A 591 7.98 2.78 -10.69
N HIS A 592 6.89 2.89 -11.44
CA HIS A 592 5.65 2.23 -11.05
C HIS A 592 5.78 0.71 -11.03
N SER A 593 6.71 0.15 -11.82
CA SER A 593 6.88 -1.31 -11.81
C SER A 593 7.38 -1.85 -10.47
N PHE A 594 7.95 -0.97 -9.63
CA PHE A 594 8.31 -1.32 -8.24
C PHE A 594 7.16 -1.15 -7.25
N ASP A 595 6.05 -0.56 -7.71
CA ASP A 595 4.91 -0.23 -6.88
C ASP A 595 5.36 0.57 -5.65
N PRO A 596 5.95 1.76 -5.89
CA PRO A 596 6.50 2.51 -4.78
C PRO A 596 5.47 2.90 -3.71
N CYS A 597 5.79 2.61 -2.45
CA CYS A 597 4.98 3.03 -1.33
C CYS A 597 5.84 3.93 -0.48
N LEU A 598 5.63 5.24 -0.60
CA LEU A 598 6.58 6.16 0.01
C LEU A 598 6.35 6.34 1.50
N ALA A 599 5.11 6.23 1.95
CA ALA A 599 4.81 6.24 3.38
C ALA A 599 5.47 5.03 4.05
N CYS A 600 5.40 3.88 3.40
CA CYS A 600 6.15 2.71 3.84
C CYS A 600 7.64 2.97 3.93
N SER A 601 8.19 3.56 2.87
CA SER A 601 9.64 3.68 2.76
C SER A 601 10.25 4.52 3.88
N THR A 602 9.48 5.48 4.39
CA THR A 602 9.97 6.48 5.33
C THR A 602 9.44 6.28 6.75
N HIS A 603 8.18 5.87 6.86
CA HIS A 603 7.54 5.61 8.16
C HIS A 603 7.88 6.66 9.23
N PRO B 5 -22.55 19.97 -15.47
CA PRO B 5 -21.15 19.82 -15.08
C PRO B 5 -20.99 19.33 -13.66
N ARG B 6 -20.04 18.42 -13.48
CA ARG B 6 -19.82 17.77 -12.20
C ARG B 6 -18.89 18.63 -11.35
N THR B 7 -19.15 18.69 -10.04
CA THR B 7 -18.35 19.54 -9.15
C THR B 7 -16.91 19.07 -9.08
N PRO B 8 -15.95 19.98 -9.33
CA PRO B 8 -14.57 19.54 -9.20
C PRO B 8 -14.21 19.25 -7.76
N VAL B 9 -13.46 18.17 -7.57
CA VAL B 9 -12.83 17.87 -6.32
C VAL B 9 -11.31 17.84 -6.54
N LEU B 10 -10.62 18.63 -5.74
CA LEU B 10 -9.17 18.60 -5.68
C LEU B 10 -8.81 17.88 -4.38
N TRP B 11 -8.29 16.66 -4.51
CA TRP B 11 -8.00 15.81 -3.36
C TRP B 11 -6.50 15.87 -3.09
N LEU B 12 -6.13 16.57 -2.02
CA LEU B 12 -4.74 16.72 -1.61
C LEU B 12 -4.37 15.67 -0.56
N HIS B 13 -3.08 15.31 -0.56
CA HIS B 13 -2.49 14.37 0.38
C HIS B 13 -1.32 15.01 1.10
N GLY B 14 -1.40 15.08 2.44
CA GLY B 14 -0.28 15.52 3.26
C GLY B 14 0.51 14.34 3.79
N LEU B 15 0.91 14.42 5.06
CA LEU B 15 1.46 13.25 5.75
C LEU B 15 0.30 12.34 6.04
N GLU B 16 0.39 11.09 5.57
CA GLU B 16 -0.72 10.15 5.64
CA GLU B 16 -0.73 10.16 5.57
C GLU B 16 -0.22 8.74 5.38
N CYS B 17 -1.12 7.77 5.55
CA CYS B 17 -0.84 6.41 5.16
C CYS B 17 -1.67 5.95 3.94
N THR B 18 -2.61 6.76 3.50
CA THR B 18 -3.46 6.53 2.32
C THR B 18 -4.66 5.60 2.60
N CYS B 19 -4.91 5.30 3.87
CA CYS B 19 -6.06 4.45 4.20
C CYS B 19 -7.40 5.08 3.80
N CYS B 20 -7.53 6.40 3.90
CA CYS B 20 -8.81 7.03 3.57
C CYS B 20 -9.10 6.89 2.08
N SER B 21 -8.08 7.09 1.24
CA SER B 21 -8.27 6.89 -0.20
C SER B 21 -8.67 5.47 -0.54
N GLU B 22 -8.06 4.52 0.14
CA GLU B 22 -8.38 3.10 -0.06
C GLU B 22 -9.80 2.81 0.44
N SER B 23 -10.17 3.35 1.60
CA SER B 23 -11.53 3.16 2.09
C SER B 23 -12.58 3.71 1.12
N PHE B 24 -12.33 4.90 0.57
CA PHE B 24 -13.23 5.51 -0.39
C PHE B 24 -13.59 4.55 -1.53
N ILE B 25 -12.59 3.86 -2.10
CA ILE B 25 -12.86 2.97 -3.24
C ILE B 25 -13.52 1.63 -2.84
N ARG B 26 -13.68 1.36 -1.54
CA ARG B 26 -14.47 0.20 -1.10
C ARG B 26 -15.97 0.47 -1.10
N SER B 27 -16.39 1.72 -1.33
CA SER B 27 -17.81 2.05 -1.22
C SER B 27 -18.67 1.21 -2.19
N ALA B 28 -19.73 0.62 -1.67
CA ALA B 28 -20.67 -0.13 -2.48
C ALA B 28 -21.90 0.69 -2.87
N HIS B 29 -22.29 1.64 -2.02
CA HIS B 29 -23.47 2.47 -2.25
C HIS B 29 -23.18 3.90 -1.86
N PRO B 30 -22.77 4.74 -2.83
CA PRO B 30 -22.54 4.49 -4.24
C PRO B 30 -21.18 3.85 -4.52
N LEU B 31 -21.04 3.26 -5.70
CA LEU B 31 -19.75 2.79 -6.17
C LEU B 31 -18.81 3.96 -6.38
N ALA B 32 -17.54 3.82 -5.98
CA ALA B 32 -16.56 4.86 -6.25
C ALA B 32 -16.46 5.15 -7.73
N LYS B 33 -16.57 4.11 -8.55
CA LYS B 33 -16.56 4.26 -10.02
C LYS B 33 -17.61 5.27 -10.48
N ASP B 34 -18.83 5.14 -9.94
CA ASP B 34 -19.92 6.06 -10.30
C ASP B 34 -19.70 7.45 -9.73
N VAL B 35 -19.08 7.53 -8.55
CA VAL B 35 -18.75 8.85 -7.98
C VAL B 35 -17.83 9.62 -8.93
N VAL B 36 -16.74 8.95 -9.33
CA VAL B 36 -15.71 9.56 -10.18
C VAL B 36 -16.20 9.85 -11.60
N LEU B 37 -16.95 8.95 -12.20
CA LEU B 37 -17.40 9.11 -13.58
C LEU B 37 -18.65 10.00 -13.71
N SER B 38 -19.54 9.96 -12.72
CA SER B 38 -20.87 10.58 -12.90
C SER B 38 -21.29 11.61 -11.85
N MET B 39 -20.54 11.76 -10.76
CA MET B 39 -20.97 12.64 -9.68
CA MET B 39 -20.96 12.62 -9.66
C MET B 39 -20.02 13.82 -9.47
N ILE B 40 -18.73 13.55 -9.29
CA ILE B 40 -17.72 14.60 -9.15
C ILE B 40 -16.84 14.61 -10.39
N SER B 41 -15.99 15.63 -10.49
CA SER B 41 -14.84 15.60 -11.40
C SER B 41 -13.57 15.59 -10.56
N LEU B 42 -12.92 14.42 -10.47
CA LEU B 42 -11.77 14.26 -9.58
C LEU B 42 -10.55 14.71 -10.38
N ASP B 43 -10.21 15.98 -10.24
CA ASP B 43 -9.27 16.63 -11.14
C ASP B 43 -7.84 16.61 -10.65
N TYR B 44 -7.65 16.45 -9.35
CA TYR B 44 -6.31 16.29 -8.81
C TYR B 44 -6.40 15.28 -7.70
N ASP B 45 -5.55 14.26 -7.79
CA ASP B 45 -5.45 13.23 -6.78
C ASP B 45 -4.20 12.44 -7.10
N ASP B 46 -3.17 12.59 -6.27
CA ASP B 46 -1.86 11.97 -6.51
C ASP B 46 -1.92 10.46 -6.71
N THR B 47 -2.87 9.80 -6.05
CA THR B 47 -3.06 8.36 -6.10
C THR B 47 -3.42 7.80 -7.47
N LEU B 48 -4.24 8.54 -8.21
CA LEU B 48 -4.91 8.00 -9.40
CA LEU B 48 -4.97 8.03 -9.36
C LEU B 48 -4.68 8.76 -10.68
N MET B 49 -4.17 9.99 -10.59
CA MET B 49 -4.12 10.86 -11.75
C MET B 49 -3.04 10.47 -12.78
N ALA B 50 -3.36 10.64 -14.06
CA ALA B 50 -2.45 10.29 -15.14
C ALA B 50 -1.23 11.21 -15.18
N ALA B 51 -1.47 12.51 -15.04
CA ALA B 51 -0.40 13.50 -15.08
C ALA B 51 0.50 13.44 -13.85
N ALA B 52 1.77 13.73 -14.06
CA ALA B 52 2.76 13.86 -12.99
C ALA B 52 3.45 15.20 -13.08
N GLY B 53 4.21 15.52 -12.04
CA GLY B 53 5.13 16.65 -12.07
C GLY B 53 4.48 17.96 -12.49
N HIS B 54 5.05 18.60 -13.49
CA HIS B 54 4.62 19.92 -13.93
C HIS B 54 3.21 19.89 -14.50
N GLN B 55 2.88 18.78 -15.16
CA GLN B 55 1.56 18.60 -15.77
C GLN B 55 0.49 18.43 -14.70
N ALA B 56 0.83 17.77 -13.60
CA ALA B 56 -0.11 17.61 -12.48
C ALA B 56 -0.37 18.95 -11.80
N GLU B 57 0.69 19.68 -11.53
CA GLU B 57 0.56 20.96 -10.83
CA GLU B 57 0.54 20.95 -10.81
C GLU B 57 -0.21 22.00 -11.65
N ALA B 58 -0.05 21.94 -12.97
CA ALA B 58 -0.77 22.85 -13.87
C ALA B 58 -2.29 22.67 -13.78
N ILE B 59 -2.75 21.48 -13.39
CA ILE B 59 -4.17 21.24 -13.21
C ILE B 59 -4.74 22.09 -12.09
N LEU B 60 -4.02 22.23 -10.98
CA LEU B 60 -4.56 22.98 -9.84
C LEU B 60 -4.93 24.40 -10.27
N GLU B 61 -3.98 25.08 -10.91
CA GLU B 61 -4.18 26.43 -11.44
C GLU B 61 -5.44 26.52 -12.31
N GLU B 62 -5.56 25.59 -13.25
CA GLU B 62 -6.65 25.64 -14.20
C GLU B 62 -8.03 25.51 -13.51
N ILE B 63 -8.15 24.54 -12.61
CA ILE B 63 -9.44 24.30 -11.95
C ILE B 63 -9.81 25.44 -11.00
N MET B 64 -8.83 25.98 -10.28
CA MET B 64 -9.09 27.04 -9.32
CA MET B 64 -9.08 27.05 -9.32
C MET B 64 -9.59 28.31 -10.01
N THR B 65 -9.05 28.57 -11.20
CA THR B 65 -9.46 29.70 -12.02
C THR B 65 -10.87 29.51 -12.57
N LYS B 66 -11.09 28.39 -13.27
CA LYS B 66 -12.35 28.15 -13.96
C LYS B 66 -13.51 27.94 -12.99
N TYR B 67 -13.23 27.34 -11.83
CA TYR B 67 -14.30 27.01 -10.86
C TYR B 67 -14.12 27.72 -9.51
N LYS B 68 -13.57 28.93 -9.53
CA LYS B 68 -13.28 29.67 -8.31
C LYS B 68 -14.50 29.71 -7.40
N GLY B 69 -14.33 29.28 -6.14
CA GLY B 69 -15.41 29.26 -5.16
C GLY B 69 -16.50 28.27 -5.48
N ASN B 70 -16.19 27.29 -6.33
CA ASN B 70 -17.14 26.27 -6.69
C ASN B 70 -16.50 24.90 -6.91
N TYR B 71 -15.36 24.67 -6.26
CA TYR B 71 -14.80 23.33 -6.13
C TYR B 71 -14.70 22.94 -4.66
N ILE B 72 -14.66 21.64 -4.42
CA ILE B 72 -14.46 21.09 -3.10
C ILE B 72 -12.97 20.76 -2.95
N LEU B 73 -12.37 21.19 -1.85
CA LEU B 73 -11.02 20.73 -1.47
C LEU B 73 -11.20 19.58 -0.49
N ALA B 74 -10.73 18.38 -0.86
CA ALA B 74 -10.67 17.25 0.09
C ALA B 74 -9.23 17.07 0.51
N VAL B 75 -9.00 16.94 1.81
CA VAL B 75 -7.64 16.76 2.31
C VAL B 75 -7.54 15.44 3.09
N GLU B 76 -6.61 14.60 2.67
CA GLU B 76 -6.22 13.40 3.40
C GLU B 76 -4.82 13.69 3.94
N GLY B 77 -4.56 13.26 5.16
CA GLY B 77 -3.31 13.59 5.78
C GLY B 77 -3.28 14.99 6.33
N ASN B 78 -2.09 15.41 6.73
CA ASN B 78 -1.93 16.68 7.41
C ASN B 78 -0.56 17.32 7.17
N PRO B 79 -0.48 18.64 7.44
CA PRO B 79 0.79 19.33 7.27
C PRO B 79 1.69 19.26 8.50
N PRO B 80 2.99 19.00 8.32
CA PRO B 80 3.96 19.15 9.39
C PRO B 80 4.48 20.57 9.50
N LEU B 81 4.64 21.06 10.73
CA LEU B 81 5.21 22.41 10.96
C LEU B 81 6.70 22.35 11.31
N ASN B 82 7.20 21.20 11.76
CA ASN B 82 8.65 21.05 12.01
C ASN B 82 9.42 20.82 10.71
N GLN B 83 10.75 20.78 10.81
CA GLN B 83 11.63 20.65 9.63
C GLN B 83 11.31 21.74 8.57
N ASP B 84 10.90 22.92 9.03
CA ASP B 84 10.47 24.01 8.13
C ASP B 84 9.39 23.58 7.14
N GLY B 85 8.54 22.64 7.55
CA GLY B 85 7.49 22.10 6.69
C GLY B 85 7.95 21.06 5.66
N MET B 86 9.25 20.79 5.61
CA MET B 86 9.82 19.96 4.54
C MET B 86 9.95 18.49 4.93
N SER B 87 9.29 18.10 6.02
CA SER B 87 8.99 16.69 6.23
C SER B 87 7.76 16.26 5.39
N CYS B 88 7.17 17.18 4.62
CA CYS B 88 6.24 16.82 3.55
C CYS B 88 6.39 17.81 2.41
N ILE B 89 7.09 17.38 1.37
CA ILE B 89 7.45 18.25 0.24
C ILE B 89 6.64 17.89 -0.99
N ILE B 90 6.04 18.91 -1.63
CA ILE B 90 5.30 18.76 -2.88
C ILE B 90 5.79 19.85 -3.85
N GLY B 91 6.25 19.45 -5.03
CA GLY B 91 6.79 20.43 -6.00
C GLY B 91 7.94 21.24 -5.43
N GLY B 92 8.77 20.58 -4.61
CA GLY B 92 9.91 21.21 -3.95
C GLY B 92 9.59 22.21 -2.83
N ARG B 93 8.32 22.30 -2.43
CA ARG B 93 7.88 23.29 -1.45
C ARG B 93 7.13 22.59 -0.31
N PRO B 94 7.00 23.24 0.86
CA PRO B 94 6.23 22.58 1.93
C PRO B 94 4.80 22.31 1.54
N PHE B 95 4.28 21.14 1.93
CA PHE B 95 2.88 20.84 1.70
C PHE B 95 1.94 21.94 2.21
N ILE B 96 2.26 22.51 3.37
CA ILE B 96 1.40 23.55 3.96
C ILE B 96 1.15 24.71 2.98
N GLU B 97 2.13 24.98 2.13
CA GLU B 97 1.96 26.04 1.12
C GLU B 97 0.96 25.63 0.03
N GLN B 98 0.96 24.36 -0.37
CA GLN B 98 -0.04 23.87 -1.31
C GLN B 98 -1.42 23.90 -0.66
N LEU B 99 -1.50 23.42 0.58
CA LEU B 99 -2.77 23.39 1.30
C LEU B 99 -3.41 24.79 1.35
N LYS B 100 -2.64 25.78 1.74
CA LYS B 100 -3.16 27.14 1.90
C LYS B 100 -3.55 27.75 0.56
N TYR B 101 -2.76 27.48 -0.46
CA TYR B 101 -3.06 27.96 -1.81
C TYR B 101 -4.39 27.38 -2.33
N VAL B 102 -4.55 26.06 -2.27
CA VAL B 102 -5.79 25.46 -2.81
C VAL B 102 -7.00 25.79 -1.94
N ALA B 103 -6.80 25.88 -0.63
CA ALA B 103 -7.91 26.17 0.29
C ALA B 103 -8.56 27.54 0.05
N LYS B 104 -7.80 28.51 -0.42
CA LYS B 104 -8.30 29.89 -0.44
C LYS B 104 -9.56 30.11 -1.29
N ASP B 105 -9.68 29.38 -2.41
CA ASP B 105 -10.85 29.51 -3.30
C ASP B 105 -11.82 28.33 -3.28
N ALA B 106 -11.70 27.44 -2.29
CA ALA B 106 -12.59 26.29 -2.21
C ALA B 106 -13.95 26.72 -1.69
N LYS B 107 -15.03 26.13 -2.16
CA LYS B 107 -16.32 26.43 -1.54
C LYS B 107 -16.51 25.67 -0.22
N ALA B 108 -15.88 24.50 -0.10
CA ALA B 108 -15.92 23.72 1.13
C ALA B 108 -14.67 22.86 1.23
N ILE B 109 -14.30 22.53 2.46
CA ILE B 109 -13.13 21.68 2.73
C ILE B 109 -13.57 20.45 3.52
N ILE B 110 -13.19 19.27 3.02
CA ILE B 110 -13.45 18.01 3.72
C ILE B 110 -12.12 17.57 4.32
N SER B 111 -12.10 17.41 5.64
CA SER B 111 -10.96 16.77 6.31
C SER B 111 -11.23 15.28 6.40
N TRP B 112 -10.66 14.52 5.47
CA TRP B 112 -10.82 13.06 5.47
C TRP B 112 -9.98 12.43 6.56
N GLY B 113 -10.63 11.60 7.37
CA GLY B 113 -9.90 10.77 8.33
C GLY B 113 -9.40 11.48 9.54
N SER B 114 -8.91 10.69 10.49
CA SER B 114 -8.32 11.23 11.69
C SER B 114 -7.05 12.08 11.42
N CYS B 115 -6.27 11.78 10.38
CA CYS B 115 -5.07 12.59 10.11
C CYS B 115 -5.50 14.04 9.86
N ALA B 116 -6.41 14.25 8.90
CA ALA B 116 -6.77 15.61 8.55
C ALA B 116 -7.60 16.27 9.63
N SER B 117 -8.42 15.47 10.32
CA SER B 117 -9.34 15.96 11.34
C SER B 117 -8.63 16.37 12.62
N TRP B 118 -7.70 15.53 13.06
CA TRP B 118 -7.13 15.68 14.40
C TRP B 118 -5.61 15.53 14.51
N GLY B 119 -4.99 14.72 13.62
CA GLY B 119 -3.52 14.49 13.68
C GLY B 119 -3.14 13.04 13.42
N CYS B 120 -3.95 12.14 13.96
CA CYS B 120 -3.74 10.68 13.91
C CYS B 120 -2.31 10.25 14.29
N VAL B 121 -1.79 9.17 13.71
CA VAL B 121 -0.65 8.50 14.33
C VAL B 121 0.62 9.35 14.39
N GLN B 122 0.88 10.11 13.34
CA GLN B 122 2.07 10.97 13.33
C GLN B 122 2.03 12.09 14.38
N ALA B 123 0.83 12.44 14.86
CA ALA B 123 0.68 13.47 15.89
C ALA B 123 0.67 12.88 17.29
N ALA B 124 0.76 11.55 17.40
CA ALA B 124 0.89 10.90 18.71
C ALA B 124 2.24 11.28 19.30
N LYS B 125 2.33 11.25 20.63
CA LYS B 125 3.53 11.72 21.32
CA LYS B 125 3.52 11.74 21.31
C LYS B 125 4.76 10.97 20.83
N PRO B 126 5.87 11.68 20.59
CA PRO B 126 6.14 13.11 20.79
C PRO B 126 5.96 14.01 19.55
N ASN B 127 5.22 13.52 18.55
CA ASN B 127 4.93 14.28 17.33
C ASN B 127 6.18 14.92 16.71
N PRO B 128 7.10 14.10 16.21
CA PRO B 128 8.40 14.58 15.72
C PRO B 128 8.30 15.62 14.60
N THR B 129 7.24 15.57 13.80
CA THR B 129 7.07 16.53 12.69
C THR B 129 6.14 17.71 12.98
N GLN B 130 5.62 17.80 14.21
CA GLN B 130 4.55 18.73 14.55
CA GLN B 130 4.55 18.74 14.55
C GLN B 130 3.45 18.71 13.48
N ALA B 131 2.98 17.50 13.20
CA ALA B 131 1.86 17.29 12.34
C ALA B 131 0.64 17.95 12.98
N THR B 132 -0.12 18.69 12.18
CA THR B 132 -1.18 19.59 12.66
C THR B 132 -2.43 19.39 11.81
N PRO B 133 -3.62 19.25 12.44
CA PRO B 133 -4.82 19.04 11.63
C PRO B 133 -5.20 20.27 10.81
N VAL B 134 -5.97 20.05 9.77
CA VAL B 134 -6.26 21.07 8.75
C VAL B 134 -6.91 22.30 9.37
N HIS B 135 -7.86 22.08 10.27
CA HIS B 135 -8.61 23.20 10.87
C HIS B 135 -7.78 24.13 11.78
N LYS B 136 -6.58 23.73 12.18
CA LYS B 136 -5.68 24.59 12.94
CA LYS B 136 -5.69 24.60 12.94
C LYS B 136 -4.80 25.46 12.02
N VAL B 137 -4.78 25.11 10.73
CA VAL B 137 -4.00 25.82 9.71
C VAL B 137 -4.90 26.68 8.81
N ILE B 138 -6.01 26.10 8.38
CA ILE B 138 -7.03 26.82 7.62
C ILE B 138 -8.15 27.20 8.57
N THR B 139 -8.23 28.49 8.90
CA THR B 139 -9.14 28.97 9.95
C THR B 139 -10.30 29.84 9.46
N ASP B 140 -10.39 30.06 8.14
CA ASP B 140 -11.38 30.98 7.56
C ASP B 140 -12.25 30.33 6.47
N LYS B 141 -12.37 29.01 6.48
CA LYS B 141 -13.13 28.28 5.46
C LYS B 141 -14.04 27.25 6.13
N PRO B 142 -15.17 26.91 5.49
CA PRO B 142 -16.02 25.88 6.06
C PRO B 142 -15.36 24.52 5.93
N ILE B 143 -15.18 23.83 7.06
CA ILE B 143 -14.57 22.48 7.11
C ILE B 143 -15.58 21.49 7.69
N ILE B 144 -15.64 20.30 7.10
CA ILE B 144 -16.33 19.15 7.68
C ILE B 144 -15.26 18.10 8.02
N LYS B 145 -15.26 17.64 9.27
CA LYS B 145 -14.35 16.58 9.70
C LYS B 145 -15.05 15.26 9.52
N VAL B 146 -14.34 14.29 8.94
CA VAL B 146 -14.88 12.94 8.74
C VAL B 146 -13.84 11.98 9.37
N PRO B 147 -13.84 11.89 10.71
CA PRO B 147 -12.77 11.19 11.38
C PRO B 147 -12.91 9.68 11.36
N GLY B 148 -11.86 9.02 11.81
CA GLY B 148 -11.75 7.56 11.71
C GLY B 148 -10.48 7.21 10.95
N CYS B 149 -9.92 6.03 11.24
CA CYS B 149 -8.65 5.63 10.68
C CYS B 149 -8.76 4.25 9.99
N PRO B 150 -9.28 4.24 8.76
CA PRO B 150 -9.94 5.32 8.01
C PRO B 150 -11.40 5.39 8.42
N PRO B 151 -12.14 6.41 7.93
CA PRO B 151 -13.60 6.37 8.05
C PRO B 151 -14.17 5.23 7.24
N ILE B 152 -15.38 4.80 7.61
CA ILE B 152 -16.13 3.81 6.84
C ILE B 152 -16.34 4.32 5.42
N ALA B 153 -16.23 3.43 4.44
CA ALA B 153 -16.34 3.82 3.03
C ALA B 153 -17.64 4.56 2.74
N GLU B 154 -18.75 4.01 3.21
CA GLU B 154 -20.08 4.64 2.92
C GLU B 154 -20.29 5.95 3.68
N VAL B 155 -19.58 6.14 4.77
CA VAL B 155 -19.58 7.43 5.44
C VAL B 155 -18.90 8.45 4.52
N MET B 156 -17.75 8.09 3.95
CA MET B 156 -17.03 9.00 3.05
C MET B 156 -17.87 9.34 1.82
N THR B 157 -18.42 8.33 1.16
CA THR B 157 -19.24 8.60 -0.02
C THR B 157 -20.58 9.22 0.35
N GLY B 158 -21.07 8.91 1.54
CA GLY B 158 -22.31 9.52 2.05
C GLY B 158 -22.17 11.02 2.21
N VAL B 159 -21.02 11.44 2.72
CA VAL B 159 -20.72 12.87 2.85
C VAL B 159 -20.66 13.57 1.49
N ILE B 160 -19.92 12.99 0.55
CA ILE B 160 -19.81 13.54 -0.81
C ILE B 160 -21.17 13.62 -1.46
N THR B 161 -21.96 12.55 -1.33
CA THR B 161 -23.26 12.48 -1.97
C THR B 161 -24.19 13.58 -1.43
N TYR B 162 -24.19 13.77 -0.12
CA TYR B 162 -24.97 14.84 0.49
C TYR B 162 -24.56 16.21 -0.08
N MET B 163 -23.25 16.46 -0.05
CA MET B 163 -22.74 17.76 -0.48
C MET B 163 -23.08 18.05 -1.94
N LEU B 164 -23.01 17.02 -2.79
CA LEU B 164 -23.30 17.20 -4.21
C LEU B 164 -24.79 17.36 -4.46
N THR B 165 -25.61 16.60 -3.75
CA THR B 165 -27.05 16.68 -3.95
C THR B 165 -27.59 18.05 -3.51
N PHE B 166 -27.13 18.54 -2.37
CA PHE B 166 -27.71 19.71 -1.74
C PHE B 166 -26.91 20.99 -1.86
N ASP B 167 -25.67 20.89 -2.33
CA ASP B 167 -24.76 22.04 -2.38
C ASP B 167 -24.66 22.69 -0.98
N ARG B 168 -24.62 21.84 0.04
CA ARG B 168 -24.54 22.26 1.45
C ARG B 168 -23.69 21.27 2.22
N ILE B 169 -23.04 21.73 3.28
CA ILE B 169 -22.43 20.84 4.26
C ILE B 169 -23.53 20.33 5.20
N PRO B 170 -23.55 19.01 5.49
CA PRO B 170 -24.60 18.53 6.42
C PRO B 170 -24.44 19.10 7.84
N GLU B 171 -25.48 18.97 8.66
CA GLU B 171 -25.44 19.46 10.04
C GLU B 171 -24.28 18.82 10.79
N LEU B 172 -23.47 19.65 11.44
CA LEU B 172 -22.33 19.18 12.21
C LEU B 172 -22.53 19.29 13.71
N ASP B 173 -21.90 18.38 14.45
CA ASP B 173 -21.80 18.51 15.90
C ASP B 173 -20.74 19.56 16.28
N ARG B 174 -20.55 19.75 17.58
CA ARG B 174 -19.61 20.75 18.10
CA ARG B 174 -19.62 20.77 18.08
C ARG B 174 -18.19 20.56 17.58
N GLN B 175 -17.80 19.30 17.33
CA GLN B 175 -16.46 19.00 16.85
C GLN B 175 -16.33 19.04 15.34
N GLY B 176 -17.39 19.40 14.64
CA GLY B 176 -17.34 19.57 13.19
C GLY B 176 -17.59 18.30 12.40
N ARG B 177 -18.14 17.27 13.06
CA ARG B 177 -18.44 15.99 12.43
C ARG B 177 -19.89 15.95 11.98
N PRO B 178 -20.19 15.27 10.85
CA PRO B 178 -21.60 15.17 10.41
C PRO B 178 -22.46 14.32 11.34
N LYS B 179 -23.50 14.93 11.89
CA LYS B 179 -24.41 14.24 12.79
C LYS B 179 -25.05 13.03 12.13
N MET B 180 -25.22 13.06 10.80
CA MET B 180 -25.86 11.92 10.12
C MET B 180 -25.06 10.62 10.25
N PHE B 181 -23.77 10.71 10.55
CA PHE B 181 -22.92 9.54 10.75
C PHE B 181 -22.25 9.41 12.12
N TYR B 182 -22.11 10.51 12.86
CA TYR B 182 -21.35 10.49 14.12
C TYR B 182 -22.17 10.85 15.37
N SER B 183 -23.48 10.67 15.32
CA SER B 183 -24.34 11.03 16.46
CA SER B 183 -24.36 11.02 16.45
C SER B 183 -24.38 9.97 17.56
N GLN B 184 -24.04 8.73 17.21
CA GLN B 184 -24.09 7.62 18.16
C GLN B 184 -22.71 7.15 18.56
N ARG B 185 -22.55 6.80 19.83
CA ARG B 185 -21.39 6.03 20.24
C ARG B 185 -21.53 4.60 19.76
N ILE B 186 -20.39 3.95 19.53
CA ILE B 186 -20.38 2.54 19.12
C ILE B 186 -21.24 1.70 20.07
N HIS B 187 -21.05 1.96 21.37
CA HIS B 187 -21.70 1.24 22.47
C HIS B 187 -23.24 1.33 22.47
N ASP B 188 -23.82 2.38 21.84
CA ASP B 188 -25.28 2.56 21.85
C ASP B 188 -26.00 1.35 21.23
N LYS B 189 -25.60 0.95 20.03
CA LYS B 189 -26.24 -0.12 19.26
C LYS B 189 -25.36 -1.35 18.98
N CYS B 190 -24.17 -1.41 19.61
CA CYS B 190 -23.33 -2.57 19.51
C CYS B 190 -24.13 -3.83 19.83
N TYR B 191 -24.05 -4.83 18.96
CA TYR B 191 -24.81 -6.08 19.16
C TYR B 191 -24.38 -6.84 20.42
N ARG B 192 -23.20 -6.54 20.98
CA ARG B 192 -22.76 -7.17 22.23
C ARG B 192 -23.27 -6.46 23.50
N ARG B 193 -24.02 -5.38 23.33
CA ARG B 193 -24.52 -4.58 24.45
C ARG B 193 -25.33 -5.38 25.48
N PRO B 194 -26.20 -6.31 25.02
CA PRO B 194 -26.91 -7.14 26.01
C PRO B 194 -25.96 -7.91 26.92
N HIS B 195 -24.80 -8.31 26.41
CA HIS B 195 -23.80 -8.94 27.28
C HIS B 195 -23.22 -7.93 28.29
N PHE B 196 -22.89 -6.74 27.81
CA PHE B 196 -22.39 -5.68 28.70
C PHE B 196 -23.40 -5.45 29.83
N ASP B 197 -24.67 -5.32 29.44
CA ASP B 197 -25.75 -5.06 30.43
C ASP B 197 -25.94 -6.17 31.46
N ALA B 198 -25.59 -7.41 31.08
CA ALA B 198 -25.68 -8.58 31.95
C ALA B 198 -24.34 -8.92 32.63
N GLY B 199 -23.34 -8.05 32.52
CA GLY B 199 -22.04 -8.30 33.13
C GLY B 199 -21.28 -9.47 32.53
N GLN B 200 -21.50 -9.74 31.24
CA GLN B 200 -20.89 -10.89 30.57
C GLN B 200 -19.75 -10.42 29.67
N PHE B 201 -18.52 -10.67 30.13
CA PHE B 201 -17.30 -10.12 29.54
C PHE B 201 -16.25 -11.16 29.18
N VAL B 202 -15.55 -10.92 28.08
CA VAL B 202 -14.30 -11.61 27.80
C VAL B 202 -13.25 -11.11 28.82
N GLU B 203 -12.50 -12.03 29.44
CA GLU B 203 -11.39 -11.66 30.34
C GLU B 203 -10.01 -12.00 29.79
N GLU B 204 -9.91 -13.04 28.97
CA GLU B 204 -8.68 -13.42 28.26
C GLU B 204 -9.03 -13.76 26.82
N TRP B 205 -8.12 -13.47 25.90
CA TRP B 205 -8.39 -13.82 24.50
C TRP B 205 -8.66 -15.31 24.35
N ASP B 206 -9.69 -15.58 23.56
CA ASP B 206 -10.12 -16.92 23.20
C ASP B 206 -10.59 -17.74 24.40
N ASP B 207 -11.05 -17.07 25.43
CA ASP B 207 -11.73 -17.76 26.53
C ASP B 207 -13.14 -18.15 26.09
N GLU B 208 -13.86 -18.88 26.94
CA GLU B 208 -15.18 -19.37 26.55
C GLU B 208 -16.10 -18.19 26.23
N SER B 209 -15.94 -17.13 27.00
CA SER B 209 -16.72 -15.91 26.82
C SER B 209 -16.48 -15.31 25.44
N ALA B 210 -15.23 -15.30 24.98
CA ALA B 210 -14.90 -14.78 23.64
C ALA B 210 -15.55 -15.62 22.55
N ARG B 211 -15.57 -16.93 22.74
CA ARG B 211 -16.22 -17.82 21.78
C ARG B 211 -17.72 -17.68 21.73
N LYS B 212 -18.32 -17.05 22.75
CA LYS B 212 -19.75 -16.75 22.75
C LYS B 212 -20.07 -15.29 22.43
N GLY B 213 -19.06 -14.53 22.01
CA GLY B 213 -19.28 -13.12 21.65
C GLY B 213 -19.62 -12.20 22.80
N PHE B 214 -19.08 -12.48 23.98
CA PHE B 214 -19.33 -11.62 25.14
C PHE B 214 -18.68 -10.24 24.94
N CYS B 215 -19.14 -9.27 25.71
CA CYS B 215 -18.67 -7.89 25.59
C CYS B 215 -17.15 -7.78 25.78
N LEU B 216 -16.54 -6.85 25.04
CA LEU B 216 -15.08 -6.67 25.01
C LEU B 216 -14.57 -5.52 25.90
N TYR B 217 -15.44 -4.95 26.72
CA TYR B 217 -15.06 -3.82 27.62
C TYR B 217 -13.81 -4.10 28.45
N LYS B 218 -13.73 -5.28 29.04
CA LYS B 218 -12.59 -5.61 29.89
C LYS B 218 -11.29 -5.93 29.12
N MET B 219 -11.41 -6.10 27.80
CA MET B 219 -10.25 -6.24 26.91
C MET B 219 -9.85 -4.90 26.29
N GLY B 220 -10.47 -3.82 26.74
CA GLY B 220 -10.06 -2.47 26.36
C GLY B 220 -10.97 -1.74 25.39
N CYS B 221 -12.12 -2.31 25.07
CA CYS B 221 -13.01 -1.70 24.09
C CYS B 221 -13.33 -0.26 24.44
N LYS B 222 -13.08 0.63 23.49
CA LYS B 222 -13.36 2.04 23.67
C LYS B 222 -14.67 2.46 23.00
N GLY B 223 -15.51 1.48 22.63
CA GLY B 223 -16.82 1.76 22.10
C GLY B 223 -17.67 2.73 22.92
N PRO B 224 -17.60 2.63 24.28
CA PRO B 224 -18.40 3.54 25.09
C PRO B 224 -18.06 5.03 25.00
N THR B 225 -16.88 5.38 24.47
CA THR B 225 -16.46 6.77 24.36
C THR B 225 -16.16 7.22 22.92
N THR B 226 -16.58 6.42 21.95
CA THR B 226 -16.21 6.64 20.56
C THR B 226 -17.45 6.79 19.69
N TYR B 227 -17.53 7.90 18.97
CA TYR B 227 -18.65 8.18 18.06
C TYR B 227 -18.30 7.79 16.62
N ASN B 228 -19.09 6.89 16.05
CA ASN B 228 -18.91 6.44 14.67
C ASN B 228 -20.13 5.60 14.30
N ALA B 229 -20.19 5.18 13.05
CA ALA B 229 -21.31 4.37 12.55
C ALA B 229 -21.00 2.87 12.49
N CYS B 230 -19.92 2.43 13.16
CA CYS B 230 -19.44 1.06 12.99
C CYS B 230 -20.40 -0.01 13.44
N SER B 231 -21.22 0.24 14.46
CA SER B 231 -22.12 -0.78 15.00
CA SER B 231 -22.09 -0.82 14.98
C SER B 231 -23.37 -0.99 14.15
N THR B 232 -23.71 0.00 13.35
CA THR B 232 -24.95 -0.03 12.56
C THR B 232 -24.68 -0.19 11.06
N THR B 233 -24.03 0.80 10.47
CA THR B 233 -23.57 0.72 9.08
C THR B 233 -22.57 -0.43 8.86
N ARG B 234 -21.62 -0.55 9.78
CA ARG B 234 -20.57 -1.54 9.75
C ARG B 234 -19.66 -1.32 8.53
N TRP B 235 -18.77 -2.28 8.29
CA TRP B 235 -17.65 -2.12 7.37
C TRP B 235 -17.77 -3.00 6.15
N ASN B 236 -17.31 -2.48 5.01
CA ASN B 236 -17.17 -3.27 3.78
C ASN B 236 -18.50 -3.91 3.38
N GLU B 237 -19.46 -3.03 3.14
CA GLU B 237 -20.84 -3.39 2.81
C GLU B 237 -21.49 -4.21 3.94
N GLY B 238 -21.33 -3.74 5.17
CA GLY B 238 -21.92 -4.36 6.34
C GLY B 238 -21.49 -5.78 6.62
N THR B 239 -20.24 -6.10 6.34
CA THR B 239 -19.73 -7.46 6.51
C THR B 239 -19.38 -7.75 7.97
N SER B 240 -18.69 -6.80 8.61
CA SER B 240 -18.33 -6.91 10.03
C SER B 240 -17.98 -5.52 10.56
N PHE B 241 -17.52 -5.49 11.81
CA PHE B 241 -16.83 -4.34 12.37
C PHE B 241 -15.87 -4.87 13.43
N PRO B 242 -14.95 -4.03 13.93
CA PRO B 242 -13.93 -4.56 14.83
C PRO B 242 -14.47 -5.48 15.93
N ILE B 243 -15.52 -5.03 16.62
CA ILE B 243 -16.09 -5.78 17.74
C ILE B 243 -16.69 -7.11 17.27
N GLN B 244 -17.41 -7.10 16.15
CA GLN B 244 -17.98 -8.35 15.63
C GLN B 244 -16.90 -9.39 15.34
N SER B 245 -15.75 -8.93 14.84
CA SER B 245 -14.65 -9.82 14.54
C SER B 245 -13.76 -10.10 15.76
N GLY B 246 -14.11 -9.54 16.92
CA GLY B 246 -13.54 -9.96 18.19
C GLY B 246 -12.50 -9.07 18.86
N HIS B 247 -12.21 -7.90 18.30
CA HIS B 247 -11.27 -6.96 18.91
C HIS B 247 -12.06 -5.75 19.38
N GLY B 248 -11.73 -5.22 20.54
CA GLY B 248 -12.38 -4.00 21.03
C GLY B 248 -12.12 -2.85 20.07
N CYS B 249 -13.07 -1.94 20.01
CA CYS B 249 -12.84 -0.63 19.40
C CYS B 249 -11.58 -0.03 20.08
N ILE B 250 -10.69 0.55 19.29
CA ILE B 250 -9.51 1.24 19.84
C ILE B 250 -9.72 2.75 19.88
N GLY B 251 -10.90 3.20 19.49
CA GLY B 251 -11.27 4.61 19.55
C GLY B 251 -10.85 5.45 18.37
N CYS B 252 -10.77 4.84 17.18
CA CYS B 252 -9.96 5.43 16.08
C CYS B 252 -10.58 6.69 15.43
N SER B 253 -11.85 6.98 15.71
CA SER B 253 -12.46 8.22 15.21
C SER B 253 -12.38 9.36 16.22
N GLU B 254 -11.80 9.12 17.40
CA GLU B 254 -11.77 10.15 18.44
C GLU B 254 -10.41 10.86 18.49
N ASP B 255 -10.48 12.17 18.69
CA ASP B 255 -9.33 13.04 18.80
C ASP B 255 -8.32 12.53 19.82
N GLY B 256 -7.09 12.25 19.39
CA GLY B 256 -6.02 11.89 20.32
C GLY B 256 -6.06 10.46 20.82
N PHE B 257 -6.71 9.56 20.07
CA PHE B 257 -6.93 8.20 20.57
C PHE B 257 -5.65 7.38 20.79
N TRP B 258 -4.55 7.74 20.13
CA TRP B 258 -3.27 7.05 20.32
C TRP B 258 -2.63 7.31 21.68
N ASP B 259 -3.04 8.40 22.34
CA ASP B 259 -2.43 8.83 23.61
C ASP B 259 -3.41 8.77 24.78
N LYS B 260 -4.38 7.87 24.67
CA LYS B 260 -5.35 7.63 25.75
C LYS B 260 -5.07 6.31 26.49
N GLY B 261 -3.81 5.89 26.50
CA GLY B 261 -3.40 4.68 27.18
C GLY B 261 -3.45 3.48 26.26
N SER B 262 -2.97 2.34 26.76
CA SER B 262 -2.98 1.12 25.98
C SER B 262 -4.38 0.82 25.46
N PHE B 263 -4.43 0.29 24.24
CA PHE B 263 -5.71 -0.13 23.66
C PHE B 263 -6.36 -1.24 24.48
N TYR B 264 -5.56 -1.97 25.26
CA TYR B 264 -6.07 -3.10 26.03
C TYR B 264 -6.36 -2.75 27.48
N ASP B 265 -6.14 -1.51 27.88
CA ASP B 265 -6.55 -1.09 29.21
C ASP B 265 -8.00 -0.64 29.19
N ARG B 266 -8.78 -1.17 30.12
CA ARG B 266 -10.20 -0.89 30.14
C ARG B 266 -10.47 0.54 30.57
N LEU B 267 -11.60 1.06 30.13
CA LEU B 267 -12.12 2.33 30.64
C LEU B 267 -12.43 2.16 32.12
N THR B 268 -12.19 3.21 32.90
CA THR B 268 -12.54 3.20 34.32
C THR B 268 -13.96 3.72 34.50
N GLY B 269 -14.56 3.38 35.64
CA GLY B 269 -15.92 3.78 35.94
C GLY B 269 -16.90 3.19 34.94
N ILE B 270 -16.99 1.87 34.94
CA ILE B 270 -17.91 1.12 34.08
C ILE B 270 -19.38 1.54 34.25
N SER B 271 -19.74 1.97 35.48
CA SER B 271 -21.08 2.49 35.78
C SER B 271 -21.51 3.73 34.97
N GLN B 272 -20.54 4.51 34.49
CA GLN B 272 -20.79 5.63 33.56
C GLN B 272 -21.49 5.18 32.26
N PHE B 273 -21.21 3.95 31.82
CA PHE B 273 -21.56 3.45 30.49
C PHE B 273 -22.70 2.44 30.50
#